data_7D3Y
#
_entry.id   7D3Y
#
_cell.length_a   147.812
_cell.length_b   147.812
_cell.length_c   143.287
_cell.angle_alpha   90.000
_cell.angle_beta   90.000
_cell.angle_gamma   120.000
#
_symmetry.space_group_name_H-M   'P 32 2 1'
#
loop_
_entity.id
_entity.type
_entity.pdbx_description
1 polymer 'SPX domain-containing protein 2,Isoform 1 of Core histone macro-H2A.1'
2 polymer 'Protein PHOSPHATE STARVATION RESPONSE 2'
3 non-polymer 'INOSITOL HEXAKISPHOSPHATE'
#
loop_
_entity_poly.entity_id
_entity_poly.type
_entity_poly.pdbx_seq_one_letter_code
_entity_poly.pdbx_strand_id
1 'polypeptide(L)'
;MKFGKSLSSQIVEMQPEWRDNFLSYKDLKKRLNLISGGAAGERASKRRRVGGATAVTVTAAAAGGMTLEQAGFVGLLDAE
LDKFNFFFLEKEEEYVIKQKELRERKMASAEEVMRVRKEIVDLHGEMVLLENYSALNYTGLVKILKKYDKRTGSMIRLPF
VQKVLQQPFFTTDLLYKLVKECEEMLDQLMPTNEHSVASEDGAGSDGFTVLSTKSLFLGQKLQVVQADIASIDSDAVVHP
TNTDFYIGGEVGNTLEKKGGKEFVEAVLELRKKNGPLEVAGAAVSAGHGLPAKFVIHCNSPVWGADKCEELLEKTVKNCL
ALADDKKLKSIAFPSIGSGRNGFPKQTAAQLILKAISSYFVSTMSSSIKTVYFVLFDSESIGIYVQEMAKLDAN
;
A,B
2 'polypeptide(L)'
;SGEPSAVAIPSPSGASNTSNSKTRMRWTPELHERFVDAVNLLGGSEKATPKGVLKLMKADNLTIYHVKSHLQKYRTARYR
PELSEGSSEKKAASKEDIPSIDLKGGNFDLTEALRLQLELQKRLHEQLEIQRSLQLRILEHHHHHHHH
;
C,D,E
#
# COMPACT_ATOMS: atom_id res chain seq x y z
N LYS A 2 7.44 23.93 30.26
CA LYS A 2 6.04 23.51 30.15
C LYS A 2 5.94 22.00 29.97
N PHE A 3 7.09 21.33 30.08
CA PHE A 3 7.15 19.88 29.87
C PHE A 3 6.10 19.15 30.71
N GLY A 4 5.91 19.59 31.95
CA GLY A 4 4.91 18.96 32.80
C GLY A 4 3.50 19.09 32.25
N LYS A 5 3.17 20.26 31.68
CA LYS A 5 1.84 20.46 31.13
C LYS A 5 1.60 19.54 29.93
N SER A 6 2.57 19.44 29.02
CA SER A 6 2.43 18.55 27.89
C SER A 6 2.34 17.09 28.33
N LEU A 7 3.17 16.70 29.31
CA LEU A 7 3.10 15.35 29.83
C LEU A 7 1.72 15.04 30.39
N SER A 8 1.19 15.93 31.24
CA SER A 8 -0.12 15.69 31.84
C SER A 8 -1.22 15.66 30.77
N SER A 9 -1.13 16.54 29.78
CA SER A 9 -2.12 16.55 28.71
C SER A 9 -2.08 15.26 27.91
N GLN A 10 -0.90 14.64 27.80
CA GLN A 10 -0.83 13.33 27.16
C GLN A 10 -1.37 12.23 28.08
N ILE A 11 -1.16 12.37 29.39
CA ILE A 11 -1.61 11.33 30.32
C ILE A 11 -3.13 11.25 30.35
N VAL A 12 -3.78 12.40 30.51
CA VAL A 12 -5.22 12.44 30.74
C VAL A 12 -5.97 11.67 29.65
N GLU A 13 -5.43 11.65 28.43
CA GLU A 13 -6.10 11.01 27.30
C GLU A 13 -5.75 9.53 27.16
N MET A 14 -5.03 8.95 28.12
CA MET A 14 -4.61 7.55 28.03
C MET A 14 -5.47 6.65 28.92
N GLN A 15 -5.23 5.34 28.79
CA GLN A 15 -5.97 4.34 29.56
C GLN A 15 -5.46 4.31 31.00
N PRO A 16 -6.34 3.98 31.95
CA PRO A 16 -5.92 3.99 33.37
C PRO A 16 -4.67 3.17 33.67
N GLU A 17 -4.51 2.03 32.98
CA GLU A 17 -3.30 1.23 33.16
C GLU A 17 -2.05 2.05 32.83
N TRP A 18 -2.09 2.84 31.76
CA TRP A 18 -0.91 3.56 31.32
C TRP A 18 -0.60 4.74 32.22
N ARG A 19 -1.63 5.40 32.76
CA ARG A 19 -1.42 6.45 33.74
C ARG A 19 -0.98 5.84 35.07
N ASP A 20 -0.47 6.72 35.94
CA ASP A 20 0.11 6.31 37.23
C ASP A 20 1.23 5.29 37.04
N ASN A 21 1.88 5.33 35.87
CA ASN A 21 3.13 4.60 35.66
C ASN A 21 4.22 5.48 35.09
N PHE A 22 3.89 6.63 34.53
CA PHE A 22 4.85 7.71 34.35
C PHE A 22 5.18 8.31 35.72
N LEU A 23 6.38 8.86 35.84
CA LEU A 23 6.77 9.47 37.10
C LEU A 23 5.86 10.63 37.42
N SER A 24 5.49 10.75 38.69
CA SER A 24 4.66 11.87 39.11
C SER A 24 5.46 13.16 39.03
N TYR A 25 4.75 14.26 38.77
CA TYR A 25 5.35 15.58 38.87
C TYR A 25 5.00 16.26 40.18
N LYS A 26 4.83 15.48 41.24
CA LYS A 26 4.86 15.98 42.60
C LYS A 26 6.28 16.10 43.12
N ASP A 27 7.26 15.51 42.43
CA ASP A 27 8.65 15.63 42.84
C ASP A 27 9.17 17.07 42.77
N LEU A 28 8.46 17.95 42.05
CA LEU A 28 8.84 19.36 42.08
C LEU A 28 8.49 19.99 43.42
N LYS A 29 7.35 19.61 44.00
CA LYS A 29 6.98 20.09 45.33
C LYS A 29 8.00 19.63 46.36
N LYS A 30 8.26 18.32 46.41
CA LYS A 30 9.27 17.76 47.31
C LYS A 30 10.62 18.42 47.10
N ARG A 31 11.04 18.56 45.83
CA ARG A 31 12.29 19.23 45.50
C ARG A 31 12.34 20.63 46.12
N LEU A 32 11.24 21.38 46.00
CA LEU A 32 11.17 22.69 46.63
C LEU A 32 11.41 22.59 48.13
N ASN A 33 10.75 21.63 48.78
CA ASN A 33 10.88 21.52 50.23
C ASN A 33 12.29 21.14 50.68
N LEU A 34 13.15 20.69 49.78
CA LEU A 34 14.54 20.42 50.12
C LEU A 34 15.27 21.69 50.53
N THR A 67 22.70 16.67 53.22
CA THR A 67 22.40 15.93 52.00
C THR A 67 21.67 14.63 52.30
N LEU A 68 21.23 14.48 53.56
CA LEU A 68 20.55 13.26 53.96
C LEU A 68 19.14 13.19 53.39
N GLU A 69 18.37 14.28 53.56
CA GLU A 69 17.04 14.31 52.94
C GLU A 69 17.12 14.39 51.42
N GLN A 70 18.19 14.98 50.88
CA GLN A 70 18.43 14.87 49.45
C GLN A 70 18.71 13.42 49.05
N ALA A 71 19.37 12.66 49.92
CA ALA A 71 19.55 11.24 49.65
C ALA A 71 18.21 10.51 49.66
N GLY A 72 17.29 10.91 50.55
CA GLY A 72 15.94 10.36 50.49
C GLY A 72 15.24 10.70 49.20
N PHE A 73 15.44 11.91 48.69
CA PHE A 73 14.88 12.30 47.40
C PHE A 73 15.43 11.41 46.27
N VAL A 74 16.74 11.15 46.29
CA VAL A 74 17.32 10.26 45.28
C VAL A 74 16.77 8.85 45.43
N GLY A 75 16.48 8.42 46.66
CA GLY A 75 15.82 7.13 46.85
C GLY A 75 14.43 7.11 46.24
N LEU A 76 13.70 8.22 46.34
CA LEU A 76 12.42 8.34 45.64
C LEU A 76 12.61 8.17 44.14
N LEU A 77 13.66 8.79 43.59
CA LEU A 77 13.96 8.62 42.17
C LEU A 77 14.20 7.15 41.83
N ASP A 78 14.93 6.44 42.71
CA ASP A 78 15.17 5.01 42.48
C ASP A 78 13.87 4.22 42.51
N ALA A 79 12.94 4.60 43.38
CA ALA A 79 11.63 3.96 43.40
C ALA A 79 10.90 4.16 42.08
N GLU A 80 10.95 5.38 41.55
CA GLU A 80 10.36 5.63 40.23
C GLU A 80 10.99 4.74 39.17
N LEU A 81 12.32 4.57 39.24
CA LEU A 81 13.02 3.71 38.29
C LEU A 81 12.53 2.27 38.38
N ASP A 82 12.34 1.76 39.61
CA ASP A 82 11.86 0.39 39.77
C ASP A 82 10.45 0.23 39.20
N LYS A 83 9.59 1.23 39.42
CA LYS A 83 8.25 1.20 38.84
C LYS A 83 8.32 1.09 37.32
N PHE A 84 9.13 1.95 36.70
CA PHE A 84 9.31 1.89 35.25
C PHE A 84 9.79 0.51 34.81
N ASN A 85 10.76 -0.04 35.52
CA ASN A 85 11.30 -1.36 35.16
C ASN A 85 10.20 -2.40 35.12
N PHE A 86 9.42 -2.50 36.21
CA PHE A 86 8.38 -3.52 36.28
C PHE A 86 7.37 -3.37 35.15
N PHE A 87 6.83 -2.15 35.00
CA PHE A 87 5.79 -1.94 33.99
C PHE A 87 6.31 -2.25 32.58
N PHE A 88 7.51 -1.75 32.26
CA PHE A 88 8.07 -1.95 30.94
C PHE A 88 8.33 -3.42 30.66
N LEU A 89 8.86 -4.17 31.64
CA LEU A 89 9.12 -5.58 31.41
C LEU A 89 7.83 -6.35 31.17
N GLU A 90 6.79 -6.06 31.95
CA GLU A 90 5.52 -6.75 31.74
C GLU A 90 4.98 -6.49 30.33
N LYS A 91 4.94 -5.21 29.93
CA LYS A 91 4.42 -4.90 28.60
C LYS A 91 5.26 -5.53 27.50
N GLU A 92 6.58 -5.57 27.69
CA GLU A 92 7.47 -6.13 26.68
C GLU A 92 7.22 -7.62 26.49
N GLU A 93 7.09 -8.36 27.60
CA GLU A 93 6.81 -9.79 27.49
C GLU A 93 5.48 -10.02 26.78
N GLU A 94 4.45 -9.26 27.15
CA GLU A 94 3.15 -9.36 26.47
C GLU A 94 3.30 -9.14 24.98
N TYR A 95 4.06 -8.11 24.59
CA TYR A 95 4.21 -7.78 23.17
C TYR A 95 4.95 -8.87 22.41
N VAL A 96 5.98 -9.46 23.03
CA VAL A 96 6.71 -10.54 22.37
C VAL A 96 5.78 -11.72 22.08
N ILE A 97 5.02 -12.12 23.09
CA ILE A 97 4.08 -13.23 22.91
C ILE A 97 3.08 -12.90 21.80
N LYS A 98 2.51 -11.69 21.85
CA LYS A 98 1.50 -11.29 20.87
C LYS A 98 2.08 -11.29 19.46
N GLN A 99 3.32 -10.85 19.30
CA GLN A 99 3.88 -10.75 17.95
C GLN A 99 4.14 -12.14 17.38
N LYS A 100 4.66 -13.06 18.18
CA LYS A 100 4.81 -14.43 17.66
C LYS A 100 3.46 -15.02 17.28
N GLU A 101 2.44 -14.78 18.13
CA GLU A 101 1.10 -15.28 17.82
C GLU A 101 0.59 -14.73 16.50
N LEU A 102 0.71 -13.41 16.31
CA LEU A 102 0.17 -12.80 15.09
C LEU A 102 0.96 -13.21 13.85
N ARG A 103 2.26 -13.47 13.98
CA ARG A 103 3.00 -13.98 12.83
C ARG A 103 2.52 -15.38 12.45
N GLU A 104 2.29 -16.24 13.43
CA GLU A 104 1.72 -17.54 13.15
C GLU A 104 0.37 -17.41 12.43
N ARG A 105 -0.48 -16.51 12.93
CA ARG A 105 -1.80 -16.33 12.33
C ARG A 105 -1.69 -15.78 10.91
N LYS A 106 -0.74 -14.89 10.65
CA LYS A 106 -0.54 -14.35 9.32
C LYS A 106 -0.13 -15.44 8.34
N MET A 107 0.82 -16.29 8.75
CA MET A 107 1.22 -17.40 7.88
C MET A 107 0.04 -18.31 7.58
N ALA A 108 -0.74 -18.65 8.62
CA ALA A 108 -1.90 -19.51 8.42
C ALA A 108 -2.91 -18.88 7.46
N SER A 109 -3.14 -17.57 7.59
CA SER A 109 -4.12 -16.90 6.75
C SER A 109 -3.65 -16.85 5.30
N ALA A 110 -2.36 -16.58 5.07
CA ALA A 110 -1.85 -16.61 3.71
C ALA A 110 -2.00 -18.00 3.09
N GLU A 111 -1.67 -19.05 3.85
CA GLU A 111 -1.85 -20.41 3.35
C GLU A 111 -3.31 -20.68 2.99
N GLU A 112 -4.24 -20.21 3.83
CA GLU A 112 -5.65 -20.48 3.57
C GLU A 112 -6.14 -19.74 2.33
N VAL A 113 -5.72 -18.49 2.15
CA VAL A 113 -6.11 -17.74 0.96
C VAL A 113 -5.59 -18.44 -0.30
N MET A 114 -4.34 -18.90 -0.25
CA MET A 114 -3.78 -19.63 -1.39
C MET A 114 -4.60 -20.87 -1.70
N ARG A 115 -4.93 -21.67 -0.67
CA ARG A 115 -5.71 -22.87 -0.89
C ARG A 115 -7.07 -22.55 -1.48
N VAL A 116 -7.72 -21.50 -0.99
CA VAL A 116 -9.06 -21.16 -1.46
C VAL A 116 -9.02 -20.75 -2.94
N ARG A 117 -8.08 -19.88 -3.30
CA ARG A 117 -8.03 -19.47 -4.71
C ARG A 117 -7.64 -20.64 -5.61
N LYS A 118 -6.78 -21.54 -5.14
CA LYS A 118 -6.45 -22.72 -5.92
C LYS A 118 -7.68 -23.58 -6.18
N GLU A 119 -8.48 -23.83 -5.13
CA GLU A 119 -9.67 -24.65 -5.30
C GLU A 119 -10.69 -23.98 -6.21
N ILE A 120 -10.81 -22.65 -6.13
CA ILE A 120 -11.78 -21.96 -6.98
C ILE A 120 -11.36 -22.03 -8.44
N VAL A 121 -10.06 -21.84 -8.72
CA VAL A 121 -9.58 -21.96 -10.10
C VAL A 121 -9.79 -23.38 -10.62
N ASP A 122 -9.56 -24.38 -9.76
CA ASP A 122 -9.78 -25.77 -10.18
C ASP A 122 -11.24 -26.02 -10.50
N LEU A 123 -12.16 -25.46 -9.70
CA LEU A 123 -13.58 -25.64 -9.96
C LEU A 123 -13.99 -24.96 -11.28
N HIS A 124 -13.44 -23.76 -11.53
CA HIS A 124 -13.64 -23.10 -12.81
C HIS A 124 -13.22 -24.00 -13.96
N GLY A 125 -12.03 -24.60 -13.85
CA GLY A 125 -11.55 -25.49 -14.88
C GLY A 125 -12.45 -26.71 -15.08
N GLU A 126 -12.96 -27.26 -13.97
CA GLU A 126 -13.83 -28.42 -14.07
C GLU A 126 -15.15 -28.07 -14.77
N MET A 127 -15.70 -26.89 -14.48
CA MET A 127 -16.91 -26.46 -15.17
C MET A 127 -16.67 -26.29 -16.66
N VAL A 128 -15.54 -25.68 -17.02
CA VAL A 128 -15.19 -25.55 -18.44
C VAL A 128 -15.05 -26.93 -19.08
N LEU A 129 -14.46 -27.88 -18.35
CA LEU A 129 -14.30 -29.23 -18.87
C LEU A 129 -15.64 -29.90 -19.10
N LEU A 130 -16.62 -29.64 -18.22
CA LEU A 130 -17.96 -30.19 -18.42
C LEU A 130 -18.61 -29.59 -19.66
N GLU A 131 -18.44 -28.28 -19.87
CA GLU A 131 -18.89 -27.65 -21.11
C GLU A 131 -18.29 -28.34 -22.33
N ASN A 132 -16.99 -28.60 -22.29
CA ASN A 132 -16.32 -29.25 -23.41
C ASN A 132 -16.84 -30.67 -23.61
N TYR A 133 -17.12 -31.38 -22.52
CA TYR A 133 -17.76 -32.69 -22.60
C TYR A 133 -19.06 -32.62 -23.38
N SER A 134 -19.94 -31.69 -22.99
CA SER A 134 -21.22 -31.54 -23.67
C SER A 134 -21.03 -31.28 -25.17
N ALA A 135 -20.15 -30.31 -25.50
CA ALA A 135 -19.97 -29.95 -26.91
C ALA A 135 -19.39 -31.11 -27.72
N LEU A 136 -18.43 -31.84 -27.15
CA LEU A 136 -17.79 -32.93 -27.86
C LEU A 136 -18.77 -34.07 -28.11
N ASN A 137 -19.60 -34.38 -27.11
CA ASN A 137 -20.62 -35.41 -27.31
C ASN A 137 -21.63 -34.98 -28.38
N TYR A 138 -22.00 -33.70 -28.38
CA TYR A 138 -22.88 -33.19 -29.43
C TYR A 138 -22.27 -33.39 -30.82
N THR A 139 -20.98 -33.08 -30.96
CA THR A 139 -20.31 -33.24 -32.25
C THR A 139 -20.34 -34.70 -32.70
N GLY A 140 -19.92 -35.61 -31.82
CA GLY A 140 -19.94 -37.02 -32.17
C GLY A 140 -21.34 -37.52 -32.51
N LEU A 141 -22.34 -37.00 -31.82
CA LEU A 141 -23.72 -37.41 -32.07
C LEU A 141 -24.19 -36.95 -33.45
N VAL A 142 -23.85 -35.72 -33.83
CA VAL A 142 -24.17 -35.24 -35.17
C VAL A 142 -23.49 -36.13 -36.22
N LYS A 143 -22.23 -36.49 -35.97
CA LYS A 143 -21.51 -37.35 -36.91
C LYS A 143 -22.21 -38.68 -37.10
N ILE A 144 -22.58 -39.33 -36.00
CA ILE A 144 -23.22 -40.64 -36.12
C ILE A 144 -24.62 -40.51 -36.72
N LEU A 145 -25.31 -39.40 -36.49
CA LEU A 145 -26.61 -39.20 -37.13
C LEU A 145 -26.47 -39.08 -38.64
N LYS A 146 -25.46 -38.34 -39.11
CA LYS A 146 -25.22 -38.26 -40.55
C LYS A 146 -24.88 -39.62 -41.12
N LYS A 147 -24.05 -40.39 -40.42
CA LYS A 147 -23.71 -41.73 -40.90
C LYS A 147 -24.95 -42.61 -40.99
N TYR A 148 -25.85 -42.51 -40.02
CA TYR A 148 -27.08 -43.30 -40.06
C TYR A 148 -27.96 -42.89 -41.24
N ASP A 149 -28.15 -41.58 -41.42
CA ASP A 149 -28.98 -41.10 -42.53
C ASP A 149 -28.41 -41.54 -43.87
N LYS A 150 -27.08 -41.59 -44.00
CA LYS A 150 -26.48 -42.06 -45.24
C LYS A 150 -26.64 -43.56 -45.40
N ARG A 151 -26.51 -44.32 -44.30
CA ARG A 151 -26.60 -45.78 -44.39
C ARG A 151 -28.00 -46.24 -44.74
N THR A 152 -29.03 -45.64 -44.13
CA THR A 152 -30.40 -46.08 -44.37
C THR A 152 -31.08 -45.31 -45.49
N GLY A 153 -30.59 -44.13 -45.85
CA GLY A 153 -31.26 -43.30 -46.82
C GLY A 153 -32.39 -42.46 -46.28
N SER A 154 -32.50 -42.34 -44.97
CA SER A 154 -33.57 -41.57 -44.35
C SER A 154 -33.10 -40.14 -44.09
N MET A 155 -33.84 -39.40 -43.25
CA MET A 155 -33.50 -38.01 -42.93
C MET A 155 -34.09 -37.72 -41.54
N ILE A 156 -33.40 -38.20 -40.51
CA ILE A 156 -33.83 -38.03 -39.13
C ILE A 156 -32.85 -37.18 -38.33
N ARG A 157 -31.77 -36.69 -38.94
CA ARG A 157 -30.77 -35.95 -38.18
C ARG A 157 -31.35 -34.65 -37.63
N LEU A 158 -32.09 -33.91 -38.46
CA LEU A 158 -32.55 -32.58 -38.03
C LEU A 158 -33.54 -32.68 -36.88
N PRO A 159 -34.62 -33.48 -36.93
CA PRO A 159 -35.52 -33.55 -35.77
C PRO A 159 -34.88 -34.17 -34.55
N PHE A 160 -33.98 -35.13 -34.73
CA PHE A 160 -33.29 -35.71 -33.58
C PHE A 160 -32.42 -34.68 -32.90
N VAL A 161 -31.71 -33.84 -33.66
CA VAL A 161 -30.92 -32.78 -33.07
C VAL A 161 -31.82 -31.72 -32.43
N GLN A 162 -32.98 -31.47 -33.03
CA GLN A 162 -33.93 -30.55 -32.41
C GLN A 162 -34.37 -31.06 -31.03
N LYS A 163 -34.55 -32.37 -30.90
CA LYS A 163 -34.86 -32.94 -29.59
C LYS A 163 -33.65 -32.92 -28.67
N VAL A 164 -32.44 -33.11 -29.22
CA VAL A 164 -31.22 -33.07 -28.42
C VAL A 164 -31.03 -31.70 -27.80
N LEU A 165 -31.38 -30.64 -28.53
CA LEU A 165 -31.24 -29.29 -28.01
C LEU A 165 -32.04 -29.09 -26.73
N GLN A 166 -33.13 -29.84 -26.55
CA GLN A 166 -33.95 -29.75 -25.36
C GLN A 166 -33.41 -30.57 -24.19
N GLN A 167 -32.30 -31.27 -24.37
CA GLN A 167 -31.79 -32.11 -23.29
C GLN A 167 -31.03 -31.26 -22.27
N PRO A 168 -31.15 -31.58 -20.98
CA PRO A 168 -30.49 -30.75 -19.95
C PRO A 168 -28.98 -30.75 -20.04
N PHE A 169 -28.37 -31.81 -20.60
CA PHE A 169 -26.91 -31.79 -20.74
C PHE A 169 -26.46 -30.74 -21.74
N PHE A 170 -27.38 -30.24 -22.56
CA PHE A 170 -27.08 -29.16 -23.49
C PHE A 170 -27.38 -27.78 -22.90
N THR A 171 -28.40 -27.67 -22.05
CA THR A 171 -28.75 -26.41 -21.42
C THR A 171 -27.69 -26.01 -20.41
N THR A 172 -26.63 -25.34 -20.87
CA THR A 172 -25.49 -25.00 -20.05
C THR A 172 -25.54 -23.58 -19.51
N ASP A 173 -26.73 -22.96 -19.50
CA ASP A 173 -26.86 -21.59 -19.00
C ASP A 173 -26.41 -21.49 -17.56
N LEU A 174 -26.78 -22.47 -16.73
CA LEU A 174 -26.36 -22.46 -15.34
C LEU A 174 -24.84 -22.56 -15.22
N LEU A 175 -24.18 -23.28 -16.14
CA LEU A 175 -22.73 -23.31 -16.14
C LEU A 175 -22.15 -21.94 -16.45
N TYR A 176 -22.76 -21.21 -17.39
CA TYR A 176 -22.31 -19.85 -17.66
C TYR A 176 -22.42 -19.00 -16.39
N LYS A 177 -23.55 -19.09 -15.69
CA LYS A 177 -23.73 -18.32 -14.46
C LYS A 177 -22.69 -18.70 -13.41
N LEU A 178 -22.44 -20.00 -13.25
CA LEU A 178 -21.50 -20.46 -12.23
C LEU A 178 -20.07 -20.03 -12.56
N VAL A 179 -19.68 -20.10 -13.84
CA VAL A 179 -18.35 -19.67 -14.23
C VAL A 179 -18.20 -18.17 -14.03
N LYS A 180 -19.24 -17.39 -14.35
CA LYS A 180 -19.18 -15.96 -14.10
C LYS A 180 -19.04 -15.66 -12.61
N GLU A 181 -19.74 -16.44 -11.77
CA GLU A 181 -19.64 -16.25 -10.33
C GLU A 181 -18.23 -16.56 -9.83
N CYS A 182 -17.64 -17.66 -10.30
CA CYS A 182 -16.27 -17.99 -9.92
C CYS A 182 -15.30 -16.91 -10.36
N GLU A 183 -15.47 -16.40 -11.58
CA GLU A 183 -14.57 -15.35 -12.08
C GLU A 183 -14.71 -14.07 -11.27
N GLU A 184 -15.94 -13.71 -10.88
CA GLU A 184 -16.12 -12.52 -10.05
C GLU A 184 -15.51 -12.70 -8.67
N MET A 185 -15.66 -13.89 -8.08
CA MET A 185 -15.03 -14.17 -6.80
C MET A 185 -13.51 -14.05 -6.90
N LEU A 186 -12.93 -14.58 -7.97
CA LEU A 186 -11.48 -14.48 -8.14
C LEU A 186 -11.03 -13.05 -8.37
N ASP A 187 -11.84 -12.27 -9.11
CA ASP A 187 -11.50 -10.87 -9.33
C ASP A 187 -11.52 -10.09 -8.02
N GLN A 188 -12.50 -10.37 -7.15
CA GLN A 188 -12.57 -9.67 -5.88
C GLN A 188 -11.57 -10.22 -4.86
N LEU A 189 -11.04 -11.42 -5.07
CA LEU A 189 -9.99 -11.95 -4.21
C LEU A 189 -8.60 -11.52 -4.65
N MET A 190 -8.37 -11.48 -5.95
CA MET A 190 -7.09 -11.02 -6.48
C MET A 190 -7.14 -9.53 -6.82
N PHE A 208 -5.95 26.11 -16.21
CA PHE A 208 -5.69 25.40 -14.95
C PHE A 208 -5.00 24.07 -15.19
N THR A 209 -3.69 24.04 -14.98
CA THR A 209 -2.88 22.86 -15.22
C THR A 209 -2.32 22.34 -13.91
N VAL A 210 -2.45 21.04 -13.69
CA VAL A 210 -1.97 20.40 -12.46
C VAL A 210 -0.57 19.86 -12.72
N LEU A 211 0.41 20.37 -11.98
CA LEU A 211 1.80 19.98 -12.15
C LEU A 211 2.15 18.75 -11.33
N SER A 212 1.77 18.72 -10.05
CA SER A 212 2.11 17.60 -9.19
C SER A 212 1.03 17.41 -8.13
N THR A 213 0.76 16.16 -7.79
CA THR A 213 -0.23 15.82 -6.78
C THR A 213 0.40 14.98 -5.68
N LYS A 214 -0.09 15.16 -4.46
CA LYS A 214 0.33 14.38 -3.30
C LYS A 214 -0.90 14.13 -2.45
N SER A 215 -1.32 12.88 -2.33
CA SER A 215 -2.43 12.51 -1.46
C SER A 215 -1.90 12.39 -0.05
N LEU A 216 -2.19 13.37 0.80
CA LEU A 216 -1.67 13.37 2.15
C LEU A 216 -2.26 12.23 2.96
N PHE A 217 -1.45 11.69 3.87
CA PHE A 217 -1.89 10.55 4.68
C PHE A 217 -3.06 10.89 5.57
N LEU A 218 -3.26 12.17 5.89
CA LEU A 218 -4.36 12.58 6.75
C LEU A 218 -5.68 12.70 5.99
N GLY A 219 -5.67 12.55 4.67
CA GLY A 219 -6.89 12.58 3.89
C GLY A 219 -7.07 13.78 2.98
N GLN A 220 -6.09 14.67 2.88
CA GLN A 220 -6.19 15.83 2.02
C GLN A 220 -5.31 15.67 0.79
N LYS A 221 -5.55 16.54 -0.18
CA LYS A 221 -4.84 16.53 -1.45
C LYS A 221 -4.03 17.81 -1.57
N LEU A 222 -2.73 17.68 -1.84
CA LEU A 222 -1.83 18.80 -2.03
C LEU A 222 -1.43 18.84 -3.49
N GLN A 223 -1.88 19.86 -4.22
CA GLN A 223 -1.61 19.97 -5.64
C GLN A 223 -0.80 21.23 -5.92
N VAL A 224 0.37 21.04 -6.53
CA VAL A 224 1.11 22.13 -7.15
C VAL A 224 0.56 22.30 -8.56
N VAL A 225 -0.05 23.45 -8.81
CA VAL A 225 -0.68 23.77 -10.08
C VAL A 225 -0.07 25.06 -10.63
N GLN A 226 -0.41 25.37 -11.88
CA GLN A 226 0.08 26.57 -12.54
C GLN A 226 -1.08 27.20 -13.30
N ALA A 227 -1.54 28.36 -12.83
CA ALA A 227 -2.64 29.09 -13.45
C ALA A 227 -2.74 30.45 -12.79
N ASP A 228 -3.54 31.33 -13.39
CA ASP A 228 -3.86 32.60 -12.77
C ASP A 228 -4.62 32.36 -11.48
N ILE A 229 -4.03 32.75 -10.35
CA ILE A 229 -4.63 32.47 -9.05
C ILE A 229 -5.97 33.18 -8.88
N ALA A 230 -6.22 34.24 -9.64
CA ALA A 230 -7.48 34.94 -9.55
C ALA A 230 -8.60 34.19 -10.25
N SER A 231 -8.26 33.39 -11.26
CA SER A 231 -9.25 32.63 -12.02
C SER A 231 -9.48 31.22 -11.48
N ILE A 232 -8.59 30.72 -10.63
CA ILE A 232 -8.72 29.37 -10.11
C ILE A 232 -9.95 29.29 -9.20
N ASP A 233 -10.79 28.29 -9.44
CA ASP A 233 -12.02 28.11 -8.66
C ASP A 233 -11.67 27.42 -7.35
N SER A 234 -11.16 28.22 -6.42
CA SER A 234 -10.88 27.77 -5.06
C SER A 234 -11.75 28.54 -4.08
N ASP A 235 -12.14 27.86 -3.01
CA ASP A 235 -12.98 28.50 -2.00
C ASP A 235 -12.27 29.69 -1.36
N ALA A 236 -11.00 29.53 -1.03
CA ALA A 236 -10.19 30.59 -0.43
C ALA A 236 -8.94 30.82 -1.26
N VAL A 237 -8.53 32.09 -1.34
CA VAL A 237 -7.30 32.48 -2.02
C VAL A 237 -6.50 33.35 -1.05
N VAL A 238 -5.27 32.94 -0.78
CA VAL A 238 -4.41 33.64 0.18
C VAL A 238 -3.70 34.79 -0.53
N HIS A 239 -3.76 35.98 0.07
CA HIS A 239 -3.10 37.17 -0.46
C HIS A 239 -2.10 37.69 0.56
N PRO A 240 -0.80 37.44 0.37
CA PRO A 240 0.20 38.00 1.27
C PRO A 240 0.33 39.50 1.08
N THR A 241 0.25 40.25 2.18
CA THR A 241 0.31 41.70 2.13
C THR A 241 1.06 42.19 3.37
N ASN A 242 1.00 43.50 3.63
CA ASN A 242 1.67 44.08 4.76
C ASN A 242 0.66 44.41 5.87
N THR A 243 1.06 45.26 6.81
CA THR A 243 0.15 45.66 7.88
C THR A 243 -0.98 46.54 7.36
N ASP A 244 -0.67 47.43 6.42
CA ASP A 244 -1.63 48.37 5.87
C ASP A 244 -2.42 47.79 4.69
N PHE A 245 -2.33 46.49 4.45
CA PHE A 245 -3.06 45.81 3.39
C PHE A 245 -2.74 46.41 2.02
N TYR A 246 -1.50 46.20 1.58
CA TYR A 246 -1.12 46.66 0.25
C TYR A 246 -1.75 45.76 -0.80
N ILE A 247 -2.02 46.34 -1.97
CA ILE A 247 -2.50 45.58 -3.12
C ILE A 247 -1.46 45.55 -4.22
N GLY A 248 -0.24 46.00 -3.94
CA GLY A 248 0.82 45.99 -4.94
C GLY A 248 1.40 44.62 -5.24
N GLY A 249 1.01 43.60 -4.49
CA GLY A 249 1.51 42.26 -4.76
C GLY A 249 1.10 41.79 -6.13
N GLU A 250 1.95 40.95 -6.73
CA GLU A 250 1.58 40.28 -7.96
C GLU A 250 0.25 39.55 -7.81
N VAL A 251 0.09 38.84 -6.69
CA VAL A 251 -1.21 38.27 -6.34
C VAL A 251 -2.25 39.38 -6.23
N GLY A 252 -1.92 40.45 -5.51
CA GLY A 252 -2.84 41.57 -5.41
C GLY A 252 -3.13 42.22 -6.75
N ASN A 253 -2.11 42.30 -7.62
CA ASN A 253 -2.31 42.89 -8.93
C ASN A 253 -3.28 42.07 -9.77
N THR A 254 -3.09 40.75 -9.81
CA THR A 254 -3.99 39.92 -10.61
C THR A 254 -5.38 39.85 -9.99
N LEU A 255 -5.48 39.96 -8.66
CA LEU A 255 -6.81 39.98 -8.03
C LEU A 255 -7.52 41.29 -8.30
N GLU A 256 -6.78 42.39 -8.37
CA GLU A 256 -7.39 43.67 -8.73
C GLU A 256 -7.79 43.71 -10.20
N LYS A 257 -7.01 43.04 -11.06
CA LYS A 257 -7.39 42.97 -12.47
C LYS A 257 -8.65 42.13 -12.67
N LYS A 258 -8.70 40.96 -12.03
CA LYS A 258 -9.87 40.10 -12.18
C LYS A 258 -11.08 40.68 -11.46
N GLY A 259 -10.91 41.07 -10.20
CA GLY A 259 -12.01 41.64 -9.45
C GLY A 259 -12.28 43.08 -9.83
N GLY A 260 -13.48 43.53 -9.50
CA GLY A 260 -13.92 44.88 -9.80
C GLY A 260 -13.60 45.85 -8.69
N LYS A 261 -14.29 47.00 -8.72
CA LYS A 261 -14.14 47.99 -7.67
C LYS A 261 -14.64 47.45 -6.33
N GLU A 262 -15.62 46.54 -6.36
CA GLU A 262 -16.14 45.97 -5.13
C GLU A 262 -15.08 45.17 -4.38
N PHE A 263 -14.12 44.58 -5.10
CA PHE A 263 -13.03 43.87 -4.43
C PHE A 263 -12.15 44.83 -3.64
N VAL A 264 -11.76 45.94 -4.25
CA VAL A 264 -10.96 46.94 -3.55
C VAL A 264 -11.74 47.54 -2.39
N GLU A 265 -13.04 47.74 -2.59
CA GLU A 265 -13.88 48.26 -1.51
C GLU A 265 -13.98 47.27 -0.36
N ALA A 266 -14.03 45.97 -0.65
CA ALA A 266 -14.06 44.97 0.40
C ALA A 266 -12.74 44.94 1.16
N VAL A 267 -11.62 45.09 0.44
CA VAL A 267 -10.33 45.18 1.12
C VAL A 267 -10.28 46.39 2.04
N LEU A 268 -10.78 47.53 1.56
CA LEU A 268 -10.78 48.74 2.37
C LEU A 268 -11.68 48.58 3.60
N GLU A 269 -12.83 47.93 3.43
CA GLU A 269 -13.73 47.71 4.57
C GLU A 269 -13.12 46.74 5.57
N LEU A 270 -12.40 45.72 5.09
CA LEU A 270 -11.68 44.82 5.99
C LEU A 270 -10.64 45.58 6.80
N ARG A 271 -9.88 46.46 6.14
CA ARG A 271 -8.89 47.26 6.86
C ARG A 271 -9.58 48.20 7.85
N LYS A 272 -10.74 48.74 7.49
CA LYS A 272 -11.48 49.60 8.41
C LYS A 272 -11.94 48.84 9.64
N LYS A 273 -12.39 47.59 9.45
CA LYS A 273 -12.89 46.81 10.57
C LYS A 273 -11.76 46.35 11.48
N ASN A 274 -10.71 45.74 10.91
CA ASN A 274 -9.65 45.16 11.72
C ASN A 274 -8.49 46.11 11.99
N GLY A 275 -8.45 47.26 11.34
CA GLY A 275 -7.36 48.19 11.51
C GLY A 275 -6.06 47.64 10.96
N PRO A 276 -4.98 47.77 11.72
CA PRO A 276 -3.69 47.22 11.28
C PRO A 276 -3.67 45.70 11.41
N LEU A 277 -2.97 45.06 10.47
CA LEU A 277 -2.79 43.62 10.47
C LEU A 277 -1.43 43.30 11.06
N GLU A 278 -1.43 42.65 12.23
CA GLU A 278 -0.18 42.33 12.90
C GLU A 278 0.57 41.25 12.13
N VAL A 279 1.86 41.10 12.48
CA VAL A 279 2.69 40.12 11.80
C VAL A 279 2.18 38.72 12.09
N ALA A 280 2.19 37.89 11.05
CA ALA A 280 1.74 36.50 11.11
C ALA A 280 0.22 36.40 11.23
N GLY A 281 -0.44 37.54 11.45
CA GLY A 281 -1.88 37.58 11.52
C GLY A 281 -2.53 37.42 10.16
N ALA A 282 -3.86 37.28 10.18
CA ALA A 282 -4.59 37.09 8.94
C ALA A 282 -6.04 37.54 9.12
N ALA A 283 -6.65 37.96 8.01
CA ALA A 283 -8.04 38.40 7.99
C ALA A 283 -8.71 37.86 6.74
N VAL A 284 -10.04 37.88 6.74
CA VAL A 284 -10.85 37.29 5.67
C VAL A 284 -11.77 38.36 5.10
N SER A 285 -11.85 38.43 3.78
CA SER A 285 -12.80 39.27 3.08
C SER A 285 -13.55 38.43 2.05
N ALA A 286 -14.67 38.94 1.59
CA ALA A 286 -15.49 38.24 0.60
C ALA A 286 -14.91 38.43 -0.80
N GLY A 287 -14.93 37.35 -1.58
CA GLY A 287 -14.40 37.39 -2.93
C GLY A 287 -15.35 38.03 -3.92
N HIS A 288 -15.65 39.31 -3.71
CA HIS A 288 -16.57 40.02 -4.61
C HIS A 288 -15.92 40.23 -5.96
N GLY A 289 -16.66 39.91 -7.02
CA GLY A 289 -16.12 39.99 -8.37
C GLY A 289 -15.09 38.95 -8.70
N LEU A 290 -14.96 37.90 -7.88
CA LEU A 290 -13.99 36.84 -8.07
C LEU A 290 -14.68 35.49 -8.02
N PRO A 291 -14.20 34.51 -8.80
CA PRO A 291 -14.75 33.16 -8.67
C PRO A 291 -14.49 32.54 -7.31
N ALA A 292 -13.48 33.02 -6.58
CA ALA A 292 -13.24 32.55 -5.23
C ALA A 292 -14.30 33.07 -4.27
N LYS A 293 -14.59 32.26 -3.25
CA LYS A 293 -15.60 32.66 -2.27
C LYS A 293 -15.05 33.67 -1.27
N PHE A 294 -13.82 33.47 -0.81
CA PHE A 294 -13.20 34.36 0.18
C PHE A 294 -11.74 34.56 -0.17
N VAL A 295 -11.20 35.69 0.29
CA VAL A 295 -9.79 36.03 0.16
C VAL A 295 -9.21 36.20 1.55
N ILE A 296 -8.12 35.49 1.82
CA ILE A 296 -7.48 35.50 3.14
C ILE A 296 -6.19 36.30 3.03
N HIS A 297 -6.20 37.52 3.57
CA HIS A 297 -5.00 38.33 3.62
C HIS A 297 -4.16 37.96 4.84
N CYS A 298 -2.84 38.02 4.67
CA CYS A 298 -1.93 37.67 5.75
C CYS A 298 -0.69 38.55 5.69
N ASN A 299 -0.10 38.80 6.85
CA ASN A 299 1.11 39.60 6.98
C ASN A 299 2.27 38.64 7.23
N SER A 300 2.89 38.18 6.13
CA SER A 300 4.01 37.26 6.26
C SER A 300 5.21 37.98 6.87
N PRO A 301 5.96 37.31 7.75
CA PRO A 301 7.13 37.95 8.36
C PRO A 301 8.25 38.12 7.36
N VAL A 302 9.28 38.86 7.78
CA VAL A 302 10.45 39.15 6.95
C VAL A 302 11.61 38.30 7.43
N TRP A 303 12.37 37.76 6.48
CA TRP A 303 13.53 36.94 6.80
C TRP A 303 14.55 37.74 7.59
N GLY A 304 15.01 37.17 8.70
CA GLY A 304 15.94 37.82 9.60
C GLY A 304 15.33 38.28 10.90
N ALA A 305 14.01 38.42 10.96
CA ALA A 305 13.34 38.82 12.19
C ALA A 305 13.44 37.73 13.24
N ASP A 306 13.17 38.11 14.48
CA ASP A 306 13.22 37.17 15.59
C ASP A 306 12.13 36.11 15.43
N LYS A 307 12.55 34.84 15.37
CA LYS A 307 11.64 33.70 15.23
C LYS A 307 10.77 33.84 13.97
N CYS A 308 11.41 34.24 12.86
CA CYS A 308 10.67 34.45 11.63
C CYS A 308 10.13 33.14 11.05
N GLU A 309 10.81 32.02 11.29
CA GLU A 309 10.32 30.73 10.80
C GLU A 309 9.06 30.31 11.54
N GLU A 310 9.07 30.44 12.88
CA GLU A 310 7.86 30.16 13.65
C GLU A 310 6.73 31.10 13.25
N LEU A 311 7.07 32.35 12.91
CA LEU A 311 6.05 33.31 12.48
C LEU A 311 5.47 32.91 11.12
N LEU A 312 6.29 32.37 10.23
CA LEU A 312 5.78 31.88 8.95
C LEU A 312 4.85 30.69 9.16
N GLU A 313 5.25 29.76 10.03
CA GLU A 313 4.38 28.64 10.37
C GLU A 313 3.06 29.14 10.95
N LYS A 314 3.11 30.14 11.83
CA LYS A 314 1.89 30.69 12.42
C LYS A 314 1.03 31.37 11.36
N THR A 315 1.66 32.02 10.39
CA THR A 315 0.92 32.63 9.29
C THR A 315 0.12 31.57 8.53
N VAL A 316 0.80 30.48 8.15
CA VAL A 316 0.12 29.40 7.43
C VAL A 316 -1.01 28.82 8.27
N LYS A 317 -0.75 28.61 9.55
CA LYS A 317 -1.76 28.01 10.42
C LYS A 317 -2.95 28.93 10.62
N ASN A 318 -2.72 30.24 10.69
CA ASN A 318 -3.82 31.18 10.82
C ASN A 318 -4.66 31.24 9.55
N CYS A 319 -3.99 31.18 8.38
CA CYS A 319 -4.73 31.11 7.13
C CYS A 319 -5.62 29.88 7.09
N LEU A 320 -5.08 28.73 7.48
CA LEU A 320 -5.87 27.50 7.47
C LEU A 320 -7.02 27.56 8.49
N ALA A 321 -6.76 28.15 9.66
CA ALA A 321 -7.80 28.26 10.67
C ALA A 321 -8.93 29.17 10.21
N LEU A 322 -8.58 30.27 9.52
CA LEU A 322 -9.62 31.13 8.97
C LEU A 322 -10.39 30.44 7.86
N ALA A 323 -9.71 29.63 7.05
CA ALA A 323 -10.41 28.86 6.03
C ALA A 323 -11.41 27.90 6.66
N ASP A 324 -11.03 27.26 7.77
CA ASP A 324 -11.97 26.38 8.47
C ASP A 324 -13.07 27.17 9.17
N ASP A 325 -12.81 28.41 9.56
CA ASP A 325 -13.83 29.23 10.19
C ASP A 325 -14.98 29.55 9.24
N LYS A 326 -14.73 29.54 7.94
CA LYS A 326 -15.77 29.74 6.94
C LYS A 326 -16.28 28.43 6.36
N LYS A 327 -15.87 27.29 6.93
CA LYS A 327 -16.29 25.97 6.48
C LYS A 327 -15.96 25.75 5.01
N LEU A 328 -14.79 26.19 4.59
CA LEU A 328 -14.36 26.06 3.21
C LEU A 328 -13.65 24.71 3.01
N LYS A 329 -13.70 24.22 1.77
CA LYS A 329 -13.13 22.93 1.43
C LYS A 329 -11.85 23.01 0.61
N SER A 330 -11.47 24.18 0.11
CA SER A 330 -10.28 24.31 -0.70
C SER A 330 -9.65 25.67 -0.44
N ILE A 331 -8.33 25.74 -0.58
CA ILE A 331 -7.58 26.98 -0.38
C ILE A 331 -6.38 26.96 -1.31
N ALA A 332 -6.04 28.13 -1.84
CA ALA A 332 -4.96 28.29 -2.80
C ALA A 332 -3.86 29.14 -2.18
N PHE A 333 -2.63 28.60 -2.15
CA PHE A 333 -1.49 29.32 -1.62
C PHE A 333 -0.55 29.73 -2.74
N PRO A 334 -0.17 31.00 -2.82
CA PRO A 334 0.89 31.41 -3.74
C PRO A 334 2.25 31.17 -3.10
N SER A 335 3.29 31.62 -3.79
CA SER A 335 4.65 31.56 -3.23
C SER A 335 4.75 32.55 -2.09
N ILE A 336 4.84 32.05 -0.86
CA ILE A 336 4.85 32.87 0.34
C ILE A 336 6.22 32.75 1.01
N GLY A 337 6.72 33.87 1.53
CA GLY A 337 7.99 33.88 2.22
C GLY A 337 9.16 34.21 1.32
N SER A 338 9.36 33.39 0.29
CA SER A 338 10.46 33.61 -0.63
C SER A 338 10.25 34.88 -1.45
N GLY A 339 11.33 35.36 -2.06
CA GLY A 339 11.26 36.52 -2.92
C GLY A 339 11.25 37.83 -2.17
N ARG A 340 10.05 38.43 -2.01
CA ARG A 340 9.94 39.74 -1.39
C ARG A 340 10.45 39.75 0.05
N ASN A 341 10.03 38.75 0.84
CA ASN A 341 10.38 38.73 2.25
C ASN A 341 11.75 38.13 2.53
N GLY A 342 12.47 37.68 1.50
CA GLY A 342 13.86 37.27 1.66
C GLY A 342 14.09 35.86 2.14
N PHE A 343 13.04 35.07 2.35
CA PHE A 343 13.23 33.69 2.75
C PHE A 343 13.87 32.89 1.62
N PRO A 344 14.85 32.03 1.92
CA PRO A 344 15.33 31.09 0.92
C PRO A 344 14.21 30.11 0.55
N LYS A 345 14.25 29.65 -0.71
CA LYS A 345 13.12 28.91 -1.26
C LYS A 345 12.88 27.60 -0.51
N GLN A 346 13.93 26.80 -0.32
CA GLN A 346 13.78 25.50 0.32
C GLN A 346 13.27 25.65 1.76
N THR A 347 13.82 26.62 2.49
CA THR A 347 13.40 26.85 3.88
C THR A 347 11.92 27.21 3.95
N ALA A 348 11.49 28.16 3.12
CA ALA A 348 10.09 28.58 3.14
C ALA A 348 9.18 27.44 2.75
N ALA A 349 9.55 26.68 1.71
CA ALA A 349 8.73 25.55 1.28
C ALA A 349 8.57 24.53 2.41
N GLN A 350 9.69 24.13 3.02
CA GLN A 350 9.61 23.11 4.06
C GLN A 350 8.83 23.62 5.27
N LEU A 351 8.97 24.90 5.62
CA LEU A 351 8.25 25.45 6.75
C LEU A 351 6.75 25.47 6.48
N ILE A 352 6.36 25.92 5.29
CA ILE A 352 4.93 25.98 4.96
C ILE A 352 4.32 24.58 4.97
N LEU A 353 5.02 23.62 4.38
CA LEU A 353 4.49 22.25 4.33
C LEU A 353 4.42 21.64 5.73
N LYS A 354 5.45 21.86 6.55
CA LYS A 354 5.40 21.48 7.95
C LYS A 354 4.17 22.02 8.64
N ALA A 355 3.93 23.33 8.49
CA ALA A 355 2.81 23.96 9.18
C ALA A 355 1.48 23.37 8.73
N ILE A 356 1.34 23.13 7.41
CA ILE A 356 0.10 22.53 6.90
C ILE A 356 -0.11 21.15 7.52
N SER A 357 0.94 20.31 7.50
CA SER A 357 0.81 18.95 8.01
C SER A 357 0.47 18.93 9.49
N SER A 358 1.17 19.76 10.28
CA SER A 358 0.93 19.78 11.72
C SER A 358 -0.44 20.35 12.06
N TYR A 359 -0.87 21.38 11.32
CA TYR A 359 -2.23 21.90 11.47
C TYR A 359 -3.25 20.80 11.27
N PHE A 360 -3.11 20.03 10.18
CA PHE A 360 -4.08 18.99 9.91
C PHE A 360 -3.95 17.81 10.88
N VAL A 361 -2.79 17.63 11.49
CA VAL A 361 -2.67 16.64 12.57
C VAL A 361 -3.47 17.10 13.79
N SER A 362 -3.31 18.36 14.18
CA SER A 362 -3.96 18.86 15.38
C SER A 362 -5.41 19.31 15.16
N THR A 363 -5.93 19.20 13.92
CA THR A 363 -7.31 19.60 13.62
C THR A 363 -7.95 18.50 12.76
N MET A 364 -8.39 17.42 13.42
CA MET A 364 -9.07 16.34 12.71
C MET A 364 -10.45 16.76 12.23
N SER A 365 -11.04 17.79 12.82
CA SER A 365 -12.36 18.28 12.43
C SER A 365 -12.31 19.28 11.28
N SER A 366 -11.15 19.45 10.65
CA SER A 366 -11.00 20.42 9.58
C SER A 366 -11.82 20.00 8.36
N SER A 367 -12.39 21.00 7.68
CA SER A 367 -13.20 20.77 6.49
C SER A 367 -12.42 20.95 5.19
N ILE A 368 -11.15 21.35 5.28
CA ILE A 368 -10.35 21.57 4.07
C ILE A 368 -9.96 20.22 3.48
N LYS A 369 -10.28 20.02 2.21
CA LYS A 369 -9.99 18.77 1.52
C LYS A 369 -8.88 18.89 0.49
N THR A 370 -8.67 20.07 -0.08
CA THR A 370 -7.67 20.27 -1.12
C THR A 370 -6.92 21.57 -0.85
N VAL A 371 -5.60 21.52 -0.99
CA VAL A 371 -4.74 22.70 -0.84
C VAL A 371 -3.95 22.86 -2.12
N TYR A 372 -4.09 24.01 -2.77
CA TYR A 372 -3.41 24.29 -4.02
C TYR A 372 -2.17 25.15 -3.79
N PHE A 373 -1.14 24.91 -4.58
CA PHE A 373 0.09 25.70 -4.55
C PHE A 373 0.30 26.27 -5.95
N VAL A 374 0.00 27.55 -6.12
CA VAL A 374 0.13 28.22 -7.41
C VAL A 374 1.57 28.72 -7.53
N LEU A 375 2.35 28.08 -8.38
CA LEU A 375 3.76 28.39 -8.53
C LEU A 375 4.11 28.56 -10.00
N PHE A 376 5.01 29.51 -10.28
CA PHE A 376 5.51 29.74 -11.63
C PHE A 376 7.02 29.59 -11.75
N ASP A 377 7.78 29.91 -10.70
CA ASP A 377 9.22 29.74 -10.73
C ASP A 377 9.57 28.26 -10.77
N SER A 378 10.36 27.86 -11.78
CA SER A 378 10.67 26.45 -11.97
C SER A 378 11.40 25.86 -10.77
N GLU A 379 12.37 26.59 -10.22
CA GLU A 379 13.09 26.11 -9.05
C GLU A 379 12.16 25.94 -7.87
N SER A 380 11.26 26.91 -7.65
CA SER A 380 10.29 26.79 -6.57
C SER A 380 9.37 25.60 -6.79
N ILE A 381 8.98 25.34 -8.04
CA ILE A 381 8.13 24.20 -8.34
C ILE A 381 8.85 22.90 -7.99
N GLY A 382 10.10 22.76 -8.42
CA GLY A 382 10.85 21.55 -8.11
C GLY A 382 11.04 21.37 -6.61
N ILE A 383 11.35 22.45 -5.90
CA ILE A 383 11.55 22.38 -4.45
C ILE A 383 10.26 21.96 -3.76
N TYR A 384 9.13 22.55 -4.16
CA TYR A 384 7.85 22.20 -3.55
C TYR A 384 7.50 20.74 -3.84
N VAL A 385 7.77 20.27 -5.05
CA VAL A 385 7.50 18.86 -5.36
C VAL A 385 8.34 17.95 -4.49
N GLN A 386 9.64 18.25 -4.37
CA GLN A 386 10.52 17.44 -3.56
C GLN A 386 10.07 17.40 -2.10
N GLU A 387 9.81 18.57 -1.51
CA GLU A 387 9.46 18.62 -0.10
C GLU A 387 8.05 18.09 0.15
N MET A 388 7.18 18.18 -0.85
CA MET A 388 5.81 17.68 -0.71
C MET A 388 5.77 16.17 -0.80
N ALA A 389 6.66 15.56 -1.59
CA ALA A 389 6.71 14.11 -1.67
C ALA A 389 7.26 13.46 -0.40
N LYS A 390 7.82 14.24 0.53
CA LYS A 390 8.42 13.70 1.74
C LYS A 390 7.52 13.80 2.96
N LEU A 391 6.30 14.30 2.81
CA LEU A 391 5.39 14.43 3.94
C LEU A 391 4.78 13.09 4.32
N SER B 6 -8.68 -38.86 -32.61
CA SER B 6 -9.33 -37.57 -32.38
C SER B 6 -10.14 -37.58 -31.09
N LEU B 7 -11.37 -38.10 -31.18
CA LEU B 7 -12.26 -38.15 -30.02
C LEU B 7 -11.65 -38.94 -28.87
N SER B 8 -11.18 -40.17 -29.17
CA SER B 8 -10.55 -40.99 -28.13
C SER B 8 -9.30 -40.31 -27.60
N SER B 9 -8.48 -39.73 -28.48
CA SER B 9 -7.30 -39.01 -28.03
C SER B 9 -7.68 -37.81 -27.16
N GLN B 10 -8.86 -37.23 -27.40
CA GLN B 10 -9.34 -36.16 -26.54
C GLN B 10 -9.69 -36.69 -25.15
N ILE B 11 -10.42 -37.82 -25.10
CA ILE B 11 -10.89 -38.33 -23.81
C ILE B 11 -9.83 -39.10 -23.04
N VAL B 12 -8.66 -39.35 -23.63
CA VAL B 12 -7.59 -40.03 -22.91
C VAL B 12 -7.24 -39.29 -21.62
N GLU B 13 -6.94 -37.99 -21.74
CA GLU B 13 -6.40 -37.24 -20.61
C GLU B 13 -7.50 -36.74 -19.67
N MET B 14 -8.39 -37.62 -19.24
CA MET B 14 -9.48 -37.23 -18.36
C MET B 14 -9.64 -38.25 -17.24
N GLN B 15 -10.43 -37.88 -16.24
CA GLN B 15 -10.65 -38.72 -15.07
C GLN B 15 -11.55 -39.91 -15.41
N PRO B 16 -11.59 -40.94 -14.56
CA PRO B 16 -12.35 -42.15 -14.90
C PRO B 16 -13.84 -41.91 -15.12
N GLU B 17 -14.48 -41.10 -14.29
CA GLU B 17 -15.91 -40.87 -14.43
C GLU B 17 -16.27 -40.21 -15.75
N TRP B 18 -15.30 -39.58 -16.42
CA TRP B 18 -15.55 -39.02 -17.75
C TRP B 18 -15.45 -40.10 -18.82
N ARG B 19 -14.51 -41.02 -18.68
CA ARG B 19 -14.42 -42.15 -19.59
C ARG B 19 -15.68 -43.01 -19.48
N ASP B 20 -16.01 -43.69 -20.59
CA ASP B 20 -17.20 -44.53 -20.70
C ASP B 20 -18.49 -43.75 -20.46
N ASN B 21 -18.42 -42.43 -20.53
CA ASN B 21 -19.60 -41.57 -20.46
C ASN B 21 -19.76 -40.69 -21.68
N PHE B 22 -18.82 -40.72 -22.62
CA PHE B 22 -18.98 -40.04 -23.90
C PHE B 22 -19.84 -40.92 -24.82
N LEU B 23 -19.90 -40.57 -26.10
CA LEU B 23 -20.61 -41.38 -27.09
C LEU B 23 -19.75 -42.59 -27.42
N SER B 24 -20.21 -43.78 -27.02
CA SER B 24 -19.54 -45.00 -27.42
C SER B 24 -19.70 -45.20 -28.92
N TYR B 25 -18.59 -45.53 -29.59
CA TYR B 25 -18.60 -45.70 -31.03
C TYR B 25 -18.91 -47.14 -31.43
N LYS B 26 -19.22 -47.99 -30.44
CA LYS B 26 -19.67 -49.35 -30.73
C LYS B 26 -20.83 -49.36 -31.70
N ASP B 27 -21.70 -48.35 -31.60
CA ASP B 27 -22.86 -48.26 -32.47
C ASP B 27 -22.49 -48.28 -33.94
N LEU B 28 -21.24 -47.93 -34.29
CA LEU B 28 -20.79 -48.07 -35.67
C LEU B 28 -21.03 -49.48 -36.18
N LYS B 29 -20.56 -50.48 -35.43
CA LYS B 29 -20.85 -51.86 -35.81
C LYS B 29 -22.34 -52.08 -35.94
N LYS B 30 -23.13 -51.52 -35.02
CA LYS B 30 -24.58 -51.60 -35.12
C LYS B 30 -25.05 -50.98 -36.43
N ARG B 31 -24.52 -49.79 -36.76
CA ARG B 31 -24.85 -49.17 -38.05
C ARG B 31 -24.43 -50.06 -39.21
N LEU B 32 -23.33 -50.81 -39.05
CA LEU B 32 -22.93 -51.72 -40.11
C LEU B 32 -23.86 -52.92 -40.21
N ASN B 33 -24.51 -53.29 -39.10
CA ASN B 33 -25.46 -54.39 -39.15
C ASN B 33 -26.78 -53.99 -39.78
N LEU B 34 -27.16 -52.72 -39.65
CA LEU B 34 -28.34 -52.19 -40.32
C LEU B 34 -27.93 -51.40 -41.56
N THR B 67 -37.82 -50.77 -40.53
CA THR B 67 -37.57 -49.71 -39.57
C THR B 67 -37.52 -50.27 -38.16
N LEU B 68 -37.49 -51.60 -38.07
CA LEU B 68 -37.33 -52.26 -36.77
C LEU B 68 -35.94 -52.01 -36.20
N GLU B 69 -34.91 -52.20 -37.03
CA GLU B 69 -33.59 -51.75 -36.61
C GLU B 69 -33.52 -50.23 -36.47
N GLN B 70 -34.39 -49.48 -37.17
CA GLN B 70 -34.46 -48.04 -36.93
C GLN B 70 -34.85 -47.75 -35.48
N ALA B 71 -35.89 -48.44 -35.00
CA ALA B 71 -36.30 -48.27 -33.60
C ALA B 71 -35.21 -48.70 -32.65
N GLY B 72 -34.52 -49.81 -32.94
CA GLY B 72 -33.42 -50.24 -32.09
C GLY B 72 -32.33 -49.19 -31.98
N PHE B 73 -31.91 -48.64 -33.12
CA PHE B 73 -30.87 -47.62 -33.14
C PHE B 73 -31.30 -46.36 -32.40
N VAL B 74 -32.55 -45.92 -32.61
CA VAL B 74 -33.02 -44.72 -31.94
C VAL B 74 -33.09 -44.94 -30.44
N GLY B 75 -33.46 -46.15 -30.01
CA GLY B 75 -33.45 -46.44 -28.59
C GLY B 75 -32.05 -46.39 -28.00
N LEU B 76 -31.06 -46.93 -28.72
CA LEU B 76 -29.68 -46.83 -28.25
C LEU B 76 -29.24 -45.38 -28.14
N LEU B 77 -29.62 -44.56 -29.12
CA LEU B 77 -29.25 -43.14 -29.08
C LEU B 77 -29.91 -42.44 -27.90
N ASP B 78 -31.17 -42.78 -27.62
CA ASP B 78 -31.85 -42.19 -26.47
C ASP B 78 -31.19 -42.63 -25.17
N ALA B 79 -30.70 -43.87 -25.11
CA ALA B 79 -29.94 -44.32 -23.94
C ALA B 79 -28.68 -43.50 -23.75
N GLU B 80 -27.95 -43.23 -24.84
CA GLU B 80 -26.78 -42.38 -24.75
C GLU B 80 -27.14 -40.97 -24.28
N LEU B 81 -28.27 -40.44 -24.77
CA LEU B 81 -28.70 -39.11 -24.33
C LEU B 81 -29.03 -39.09 -22.85
N ASP B 82 -29.68 -40.15 -22.36
CA ASP B 82 -30.00 -40.22 -20.93
C ASP B 82 -28.74 -40.34 -20.08
N LYS B 83 -27.75 -41.10 -20.57
CA LYS B 83 -26.46 -41.17 -19.89
C LYS B 83 -25.83 -39.78 -19.79
N PHE B 84 -25.80 -39.06 -20.92
CA PHE B 84 -25.26 -37.70 -20.93
C PHE B 84 -25.98 -36.83 -19.91
N ASN B 85 -27.31 -36.87 -19.91
CA ASN B 85 -28.09 -36.02 -19.02
C ASN B 85 -27.82 -36.36 -17.55
N PHE B 86 -27.79 -37.65 -17.21
CA PHE B 86 -27.53 -38.05 -15.84
C PHE B 86 -26.15 -37.57 -15.37
N PHE B 87 -25.12 -37.85 -16.17
CA PHE B 87 -23.77 -37.44 -15.79
C PHE B 87 -23.67 -35.91 -15.65
N PHE B 88 -24.27 -35.18 -16.59
CA PHE B 88 -24.20 -33.72 -16.56
C PHE B 88 -24.91 -33.16 -15.34
N LEU B 89 -26.09 -33.71 -15.00
CA LEU B 89 -26.81 -33.19 -13.84
C LEU B 89 -26.10 -33.52 -12.54
N GLU B 90 -25.50 -34.72 -12.46
CA GLU B 90 -24.71 -35.05 -11.26
C GLU B 90 -23.56 -34.06 -11.10
N LYS B 91 -22.81 -33.82 -12.17
CA LYS B 91 -21.69 -32.89 -12.09
C LYS B 91 -22.16 -31.48 -11.76
N GLU B 92 -23.32 -31.08 -12.28
CA GLU B 92 -23.85 -29.74 -12.01
C GLU B 92 -24.22 -29.58 -10.55
N GLU B 93 -24.88 -30.60 -9.98
CA GLU B 93 -25.21 -30.56 -8.55
C GLU B 93 -23.94 -30.48 -7.70
N GLU B 94 -22.94 -31.31 -8.04
CA GLU B 94 -21.67 -31.27 -7.33
C GLU B 94 -21.04 -29.88 -7.39
N TYR B 95 -21.07 -29.26 -8.57
CA TYR B 95 -20.45 -27.94 -8.74
C TYR B 95 -21.19 -26.87 -7.95
N VAL B 96 -22.52 -26.96 -7.90
CA VAL B 96 -23.29 -26.00 -7.11
C VAL B 96 -22.91 -26.12 -5.63
N ILE B 97 -22.86 -27.35 -5.12
CA ILE B 97 -22.48 -27.56 -3.72
C ILE B 97 -21.08 -26.99 -3.46
N LYS B 98 -20.13 -27.30 -4.35
CA LYS B 98 -18.77 -26.82 -4.17
C LYS B 98 -18.71 -25.30 -4.18
N GLN B 99 -19.48 -24.66 -5.06
CA GLN B 99 -19.44 -23.20 -5.14
C GLN B 99 -19.99 -22.56 -3.89
N LYS B 100 -21.09 -23.10 -3.34
CA LYS B 100 -21.61 -22.59 -2.08
C LYS B 100 -20.55 -22.71 -0.98
N GLU B 101 -19.94 -23.89 -0.86
CA GLU B 101 -18.93 -24.09 0.18
C GLU B 101 -17.75 -23.15 0.01
N LEU B 102 -17.29 -22.97 -1.22
CA LEU B 102 -16.14 -22.09 -1.46
C LEU B 102 -16.47 -20.63 -1.18
N ARG B 103 -17.69 -20.20 -1.49
CA ARG B 103 -18.08 -18.82 -1.17
C ARG B 103 -18.05 -18.58 0.33
N GLU B 104 -18.64 -19.51 1.11
CA GLU B 104 -18.62 -19.35 2.56
C GLU B 104 -17.19 -19.36 3.10
N ARG B 105 -16.36 -20.28 2.60
CA ARG B 105 -14.98 -20.38 3.04
C ARG B 105 -14.20 -19.10 2.72
N LYS B 106 -14.45 -18.52 1.55
CA LYS B 106 -13.77 -17.29 1.16
C LYS B 106 -14.17 -16.14 2.08
N MET B 107 -15.47 -16.03 2.40
CA MET B 107 -15.88 -14.97 3.32
C MET B 107 -15.22 -15.14 4.68
N ALA B 108 -15.12 -16.38 5.16
CA ALA B 108 -14.44 -16.63 6.43
C ALA B 108 -12.97 -16.20 6.36
N SER B 109 -12.28 -16.55 5.27
CA SER B 109 -10.87 -16.18 5.15
C SER B 109 -10.71 -14.66 5.09
N ALA B 110 -11.64 -13.96 4.44
CA ALA B 110 -11.57 -12.50 4.39
C ALA B 110 -11.74 -11.90 5.77
N GLU B 111 -12.69 -12.41 6.55
CA GLU B 111 -12.85 -11.93 7.93
C GLU B 111 -11.57 -12.16 8.73
N GLU B 112 -10.93 -13.32 8.55
CA GLU B 112 -9.70 -13.59 9.29
C GLU B 112 -8.58 -12.65 8.88
N VAL B 113 -8.47 -12.36 7.57
CA VAL B 113 -7.47 -11.42 7.10
C VAL B 113 -7.65 -10.06 7.75
N MET B 114 -8.90 -9.56 7.76
CA MET B 114 -9.16 -8.25 8.33
C MET B 114 -8.85 -8.23 9.84
N ARG B 115 -9.20 -9.31 10.54
CA ARG B 115 -8.91 -9.38 11.97
C ARG B 115 -7.41 -9.34 12.24
N VAL B 116 -6.65 -10.16 11.51
CA VAL B 116 -5.19 -10.20 11.71
C VAL B 116 -4.59 -8.83 11.42
N ARG B 117 -5.03 -8.18 10.34
CA ARG B 117 -4.53 -6.85 10.01
C ARG B 117 -4.79 -5.87 11.15
N LYS B 118 -6.03 -5.83 11.64
CA LYS B 118 -6.38 -4.90 12.71
C LYS B 118 -5.54 -5.16 13.96
N GLU B 119 -5.37 -6.44 14.32
CA GLU B 119 -4.64 -6.76 15.54
C GLU B 119 -3.16 -6.40 15.42
N ILE B 120 -2.56 -6.59 14.24
CA ILE B 120 -1.16 -6.23 14.07
C ILE B 120 -1.00 -4.71 14.14
N VAL B 121 -1.94 -3.96 13.56
CA VAL B 121 -1.87 -2.50 13.66
C VAL B 121 -1.98 -2.07 15.13
N ASP B 122 -2.90 -2.70 15.88
CA ASP B 122 -3.07 -2.34 17.28
C ASP B 122 -1.82 -2.65 18.09
N LEU B 123 -1.17 -3.79 17.81
CA LEU B 123 0.05 -4.14 18.53
C LEU B 123 1.17 -3.16 18.21
N HIS B 124 1.31 -2.79 16.93
CA HIS B 124 2.25 -1.75 16.54
C HIS B 124 2.00 -0.48 17.34
N GLY B 125 0.73 -0.09 17.48
CA GLY B 125 0.40 1.11 18.23
C GLY B 125 0.78 1.02 19.69
N GLU B 126 0.48 -0.13 20.31
CA GLU B 126 0.82 -0.31 21.72
C GLU B 126 2.33 -0.27 21.94
N MET B 127 3.10 -0.85 21.02
CA MET B 127 4.55 -0.84 21.17
C MET B 127 5.11 0.56 21.00
N VAL B 128 4.57 1.34 20.05
CA VAL B 128 4.98 2.73 19.90
C VAL B 128 4.62 3.52 21.15
N LEU B 129 3.46 3.23 21.75
CA LEU B 129 3.06 3.88 22.98
C LEU B 129 4.03 3.55 24.12
N LEU B 130 4.53 2.32 24.16
CA LEU B 130 5.52 1.96 25.18
C LEU B 130 6.84 2.68 24.95
N GLU B 131 7.26 2.81 23.68
CA GLU B 131 8.44 3.62 23.37
C GLU B 131 8.26 5.05 23.86
N ASN B 132 7.08 5.63 23.60
CA ASN B 132 6.82 7.00 24.04
C ASN B 132 6.79 7.10 25.56
N TYR B 133 6.22 6.11 26.23
CA TYR B 133 6.29 5.99 27.69
C TYR B 133 7.74 6.12 28.18
N SER B 134 8.61 5.26 27.65
CA SER B 134 10.00 5.25 28.10
C SER B 134 10.68 6.58 27.81
N ALA B 135 10.44 7.15 26.63
CA ALA B 135 11.09 8.40 26.26
C ALA B 135 10.65 9.55 27.17
N LEU B 136 9.33 9.65 27.42
CA LEU B 136 8.82 10.71 28.28
C LEU B 136 9.35 10.57 29.69
N ASN B 137 9.41 9.34 30.21
CA ASN B 137 9.91 9.15 31.56
C ASN B 137 11.39 9.53 31.66
N TYR B 138 12.17 9.17 30.62
CA TYR B 138 13.58 9.55 30.61
C TYR B 138 13.75 11.07 30.58
N THR B 139 12.96 11.75 29.75
CA THR B 139 13.07 13.21 29.67
C THR B 139 12.69 13.87 30.99
N GLY B 140 11.62 13.37 31.62
CA GLY B 140 11.25 13.90 32.94
C GLY B 140 12.35 13.68 33.97
N LEU B 141 12.97 12.50 33.96
CA LEU B 141 14.07 12.25 34.88
C LEU B 141 15.23 13.22 34.64
N VAL B 142 15.55 13.49 33.37
CA VAL B 142 16.64 14.41 33.07
C VAL B 142 16.32 15.81 33.57
N LYS B 143 15.08 16.27 33.33
CA LYS B 143 14.68 17.59 33.81
C LYS B 143 14.78 17.68 35.33
N ILE B 144 14.30 16.64 36.03
CA ILE B 144 14.34 16.65 37.49
C ILE B 144 15.78 16.65 37.99
N LEU B 145 16.66 15.89 37.34
CA LEU B 145 18.06 15.88 37.74
C LEU B 145 18.70 17.24 37.55
N LYS B 146 18.39 17.92 36.44
CA LYS B 146 18.93 19.26 36.24
C LYS B 146 18.46 20.21 37.32
N LYS B 147 17.15 20.16 37.65
CA LYS B 147 16.63 21.04 38.70
C LYS B 147 17.26 20.73 40.05
N TYR B 148 17.51 19.45 40.34
CA TYR B 148 18.14 19.07 41.60
C TYR B 148 19.57 19.60 41.67
N ASP B 149 20.35 19.38 40.60
CA ASP B 149 21.72 19.89 40.58
C ASP B 149 21.76 21.41 40.68
N LYS B 150 20.74 22.09 40.15
CA LYS B 150 20.69 23.54 40.24
C LYS B 150 20.39 23.99 41.68
N ARG B 151 19.36 23.41 42.30
CA ARG B 151 18.93 23.88 43.61
C ARG B 151 19.93 23.49 44.69
N THR B 152 20.36 22.24 44.71
CA THR B 152 21.23 21.74 45.77
C THR B 152 22.71 22.04 45.53
N GLY B 153 23.09 22.47 44.33
CA GLY B 153 24.47 22.73 44.03
C GLY B 153 25.31 21.46 44.00
N SER B 154 24.83 20.45 43.30
CA SER B 154 25.51 19.16 43.16
C SER B 154 25.69 18.85 41.68
N MET B 155 26.34 17.71 41.41
CA MET B 155 26.58 17.23 40.04
C MET B 155 26.40 15.73 40.03
N ILE B 156 25.14 15.29 39.96
CA ILE B 156 24.81 13.87 39.89
C ILE B 156 23.97 13.52 38.67
N ARG B 157 23.64 14.50 37.82
CA ARG B 157 22.81 14.22 36.65
C ARG B 157 23.48 13.21 35.73
N LEU B 158 24.77 13.39 35.46
CA LEU B 158 25.45 12.50 34.53
C LEU B 158 25.58 11.08 35.05
N PRO B 159 26.07 10.83 36.28
CA PRO B 159 26.10 9.45 36.77
C PRO B 159 24.72 8.84 36.97
N PHE B 160 23.72 9.65 37.35
CA PHE B 160 22.37 9.11 37.48
C PHE B 160 21.80 8.70 36.13
N VAL B 161 22.07 9.47 35.08
CA VAL B 161 21.64 9.07 33.75
C VAL B 161 22.41 7.84 33.27
N GLN B 162 23.69 7.74 33.64
CA GLN B 162 24.44 6.53 33.32
C GLN B 162 23.82 5.31 33.99
N LYS B 163 23.34 5.48 35.23
CA LYS B 163 22.61 4.39 35.89
C LYS B 163 21.30 4.09 35.16
N VAL B 164 20.57 5.13 34.76
CA VAL B 164 19.32 4.96 34.03
C VAL B 164 19.55 4.13 32.78
N LEU B 165 20.66 4.36 32.09
CA LEU B 165 20.96 3.63 30.86
C LEU B 165 21.06 2.13 31.09
N GLN B 166 21.34 1.69 32.32
CA GLN B 166 21.49 0.27 32.64
C GLN B 166 20.19 -0.38 33.07
N GLN B 167 19.07 0.34 33.05
CA GLN B 167 17.82 -0.18 33.56
C GLN B 167 17.07 -0.97 32.50
N PRO B 168 16.18 -1.88 32.91
CA PRO B 168 15.42 -2.67 31.91
C PRO B 168 14.60 -1.81 30.97
N PHE B 169 14.00 -0.73 31.46
CA PHE B 169 13.36 0.22 30.55
C PHE B 169 14.44 1.11 29.92
N PHE B 170 14.04 1.85 28.89
CA PHE B 170 14.97 2.70 28.13
C PHE B 170 16.10 1.87 27.54
N THR B 171 15.78 0.62 27.17
CA THR B 171 16.66 -0.26 26.41
C THR B 171 15.80 -0.89 25.31
N THR B 172 15.45 -0.07 24.31
CA THR B 172 14.39 -0.40 23.37
C THR B 172 14.90 -0.90 22.02
N ASP B 173 16.10 -1.50 21.99
CA ASP B 173 16.59 -2.09 20.75
C ASP B 173 15.68 -3.23 20.30
N LEU B 174 15.36 -4.14 21.23
CA LEU B 174 14.49 -5.26 20.90
C LEU B 174 13.08 -4.78 20.55
N LEU B 175 12.58 -3.77 21.27
CA LEU B 175 11.26 -3.23 20.97
C LEU B 175 11.24 -2.55 19.61
N TYR B 176 12.32 -1.83 19.29
CA TYR B 176 12.43 -1.23 17.95
C TYR B 176 12.42 -2.30 16.87
N LYS B 177 13.14 -3.40 17.10
CA LYS B 177 13.17 -4.49 16.12
C LYS B 177 11.79 -5.11 15.97
N LEU B 178 11.05 -5.26 17.08
CA LEU B 178 9.69 -5.77 17.01
C LEU B 178 8.80 -4.85 16.17
N VAL B 179 8.89 -3.54 16.40
CA VAL B 179 8.11 -2.58 15.63
C VAL B 179 8.47 -2.66 14.15
N LYS B 180 9.75 -2.82 13.85
CA LYS B 180 10.18 -2.88 12.45
C LYS B 180 9.64 -4.13 11.76
N GLU B 181 9.71 -5.28 12.44
CA GLU B 181 9.15 -6.50 11.86
C GLU B 181 7.63 -6.40 11.70
N CYS B 182 6.97 -5.71 12.64
CA CYS B 182 5.53 -5.48 12.49
C CYS B 182 5.23 -4.64 11.26
N GLU B 183 6.02 -3.60 11.02
CA GLU B 183 5.82 -2.78 9.84
C GLU B 183 6.09 -3.57 8.56
N GLU B 184 7.06 -4.48 8.60
CA GLU B 184 7.28 -5.39 7.48
C GLU B 184 6.04 -6.22 7.19
N MET B 185 5.50 -6.88 8.23
CA MET B 185 4.32 -7.71 8.04
C MET B 185 3.14 -6.90 7.53
N LEU B 186 3.00 -5.66 8.00
CA LEU B 186 1.90 -4.82 7.55
C LEU B 186 2.08 -4.38 6.10
N ASP B 187 3.33 -4.08 5.70
CA ASP B 187 3.61 -3.81 4.29
C ASP B 187 3.20 -4.99 3.43
N GLN B 188 3.47 -6.21 3.91
CA GLN B 188 3.02 -7.39 3.16
C GLN B 188 1.49 -7.49 3.15
N LEU B 189 0.84 -7.08 4.24
CA LEU B 189 -0.61 -7.20 4.32
C LEU B 189 -1.34 -6.06 3.63
N MET B 190 -0.70 -4.90 3.51
CA MET B 190 -1.30 -3.72 2.87
C MET B 190 -2.63 -3.35 3.52
N PHE B 208 14.06 5.83 -3.21
CA PHE B 208 13.30 5.97 -4.45
C PHE B 208 11.92 6.58 -4.19
N THR B 209 11.69 7.77 -4.71
CA THR B 209 10.43 8.47 -4.55
C THR B 209 10.01 9.07 -5.88
N VAL B 210 8.78 8.77 -6.32
CA VAL B 210 8.26 9.31 -7.55
C VAL B 210 7.78 10.74 -7.31
N LEU B 211 8.31 11.68 -8.09
CA LEU B 211 7.96 13.08 -7.94
C LEU B 211 6.80 13.50 -8.84
N SER B 212 6.75 13.01 -10.07
CA SER B 212 5.66 13.38 -10.96
C SER B 212 5.47 12.29 -12.01
N THR B 213 4.21 12.10 -12.41
CA THR B 213 3.84 11.06 -13.37
C THR B 213 2.95 11.65 -14.45
N LYS B 214 3.23 11.29 -15.69
CA LYS B 214 2.46 11.72 -16.85
C LYS B 214 2.17 10.51 -17.73
N SER B 215 0.89 10.32 -18.06
CA SER B 215 0.46 9.19 -18.89
C SER B 215 0.28 9.65 -20.32
N LEU B 216 0.95 8.95 -21.25
CA LEU B 216 0.84 9.29 -22.67
C LEU B 216 -0.41 8.65 -23.27
N PHE B 217 -0.64 8.91 -24.55
CA PHE B 217 -1.85 8.43 -25.22
C PHE B 217 -1.85 6.92 -25.33
N LEU B 218 -0.70 6.31 -25.62
CA LEU B 218 -0.60 4.87 -25.79
C LEU B 218 -0.32 4.14 -24.48
N GLY B 219 -0.39 4.82 -23.35
CA GLY B 219 -0.27 4.18 -22.05
C GLY B 219 1.11 4.19 -21.43
N GLN B 220 2.09 4.84 -22.05
CA GLN B 220 3.42 4.90 -21.48
C GLN B 220 3.47 5.90 -20.32
N LYS B 221 4.26 5.56 -19.32
CA LYS B 221 4.41 6.39 -18.12
C LYS B 221 5.73 7.13 -18.17
N LEU B 222 5.67 8.46 -18.06
CA LEU B 222 6.85 9.28 -17.85
C LEU B 222 6.86 9.68 -16.38
N GLN B 223 7.92 9.28 -15.67
CA GLN B 223 7.98 9.51 -14.23
C GLN B 223 9.28 10.23 -13.88
N VAL B 224 9.15 11.43 -13.35
CA VAL B 224 10.27 12.11 -12.70
C VAL B 224 10.34 11.60 -11.27
N VAL B 225 11.48 11.01 -10.92
CA VAL B 225 11.70 10.40 -9.61
C VAL B 225 12.95 11.01 -8.98
N GLN B 226 13.07 10.84 -7.67
CA GLN B 226 14.23 11.31 -6.90
C GLN B 226 14.92 10.08 -6.32
N ALA B 227 16.04 9.69 -6.90
CA ALA B 227 16.78 8.52 -6.46
C ALA B 227 18.16 8.57 -7.10
N ASP B 228 18.99 7.57 -6.77
CA ASP B 228 20.26 7.37 -7.44
C ASP B 228 20.02 6.58 -8.72
N ILE B 229 20.49 7.12 -9.85
CA ILE B 229 20.23 6.49 -11.14
C ILE B 229 20.90 5.12 -11.23
N ALA B 230 21.94 4.87 -10.43
CA ALA B 230 22.59 3.56 -10.44
C ALA B 230 21.82 2.54 -9.62
N SER B 231 21.06 2.99 -8.61
CA SER B 231 20.33 2.09 -7.73
C SER B 231 18.94 1.73 -8.25
N ILE B 232 18.47 2.40 -9.31
CA ILE B 232 17.14 2.11 -9.84
C ILE B 232 17.15 0.74 -10.52
N ASP B 233 16.03 0.04 -10.42
CA ASP B 233 15.88 -1.29 -10.99
C ASP B 233 15.38 -1.27 -12.43
N SER B 234 15.44 -0.11 -13.09
CA SER B 234 15.01 -0.01 -14.48
C SER B 234 15.85 -0.92 -15.37
N ASP B 235 15.23 -1.42 -16.43
CA ASP B 235 15.92 -2.34 -17.33
C ASP B 235 17.13 -1.67 -17.97
N ALA B 236 16.95 -0.47 -18.51
CA ALA B 236 18.03 0.26 -19.17
C ALA B 236 18.31 1.55 -18.42
N VAL B 237 19.58 1.93 -18.37
CA VAL B 237 20.02 3.21 -17.81
C VAL B 237 20.90 3.89 -18.84
N VAL B 238 20.52 5.10 -19.23
CA VAL B 238 21.24 5.83 -20.27
C VAL B 238 22.45 6.52 -19.66
N HIS B 239 23.59 6.39 -20.31
CA HIS B 239 24.84 7.02 -19.86
C HIS B 239 25.31 8.04 -20.88
N PRO B 240 25.17 9.34 -20.62
CA PRO B 240 25.70 10.35 -21.55
C PRO B 240 27.22 10.36 -21.51
N THR B 241 27.82 10.23 -22.68
CA THR B 241 29.27 10.17 -22.80
C THR B 241 29.69 10.83 -24.11
N ASN B 242 30.95 10.62 -24.50
CA ASN B 242 31.46 11.18 -25.75
C ASN B 242 31.86 10.08 -26.73
N THR B 243 32.73 10.43 -27.68
CA THR B 243 33.14 9.48 -28.70
C THR B 243 33.99 8.34 -28.15
N ASP B 244 34.67 8.55 -27.03
CA ASP B 244 35.58 7.57 -26.45
C ASP B 244 34.99 6.87 -25.23
N PHE B 245 33.67 6.94 -25.06
CA PHE B 245 32.98 6.30 -23.92
C PHE B 245 33.59 6.75 -22.60
N TYR B 246 33.75 8.06 -22.45
CA TYR B 246 34.30 8.63 -21.23
C TYR B 246 33.33 8.41 -20.07
N ILE B 247 33.85 7.90 -18.96
CA ILE B 247 33.04 7.55 -17.80
C ILE B 247 33.28 8.51 -16.63
N GLY B 248 33.92 9.64 -16.88
CA GLY B 248 34.19 10.58 -15.81
C GLY B 248 33.09 11.56 -15.51
N GLY B 249 31.94 11.43 -16.16
CA GLY B 249 30.84 12.32 -15.91
C GLY B 249 30.11 11.98 -14.62
N GLU B 250 29.16 12.84 -14.27
CA GLU B 250 28.38 12.65 -13.06
C GLU B 250 27.75 11.25 -13.03
N VAL B 251 26.91 10.96 -14.02
CA VAL B 251 26.37 9.62 -14.21
C VAL B 251 27.52 8.60 -14.27
N GLY B 252 28.62 8.98 -14.92
CA GLY B 252 29.77 8.09 -14.97
C GLY B 252 30.29 7.72 -13.59
N ASN B 253 30.47 8.71 -12.72
CA ASN B 253 31.01 8.42 -11.39
C ASN B 253 30.03 7.61 -10.55
N THR B 254 28.73 7.89 -10.61
CA THR B 254 27.83 7.09 -9.78
C THR B 254 27.70 5.67 -10.32
N LEU B 255 27.60 5.52 -11.64
CA LEU B 255 27.60 4.20 -12.26
C LEU B 255 28.86 3.43 -11.91
N GLU B 256 30.00 4.12 -11.85
CA GLU B 256 31.25 3.44 -11.52
C GLU B 256 31.27 3.03 -10.06
N LYS B 257 30.83 3.93 -9.16
CA LYS B 257 30.68 3.56 -7.75
C LYS B 257 29.90 2.27 -7.59
N LYS B 258 28.77 2.15 -8.30
CA LYS B 258 27.97 0.94 -8.15
C LYS B 258 28.62 -0.27 -8.81
N GLY B 259 28.96 -0.15 -10.09
CA GLY B 259 29.43 -1.29 -10.86
C GLY B 259 30.85 -1.74 -10.59
N GLY B 260 31.80 -0.81 -10.60
CA GLY B 260 33.16 -1.15 -10.27
C GLY B 260 33.96 -1.66 -11.45
N LYS B 261 34.82 -2.63 -11.16
CA LYS B 261 35.62 -3.29 -12.17
C LYS B 261 34.78 -3.87 -13.29
N GLU B 262 33.62 -4.45 -12.95
CA GLU B 262 32.77 -5.04 -13.98
C GLU B 262 32.20 -3.99 -14.92
N PHE B 263 31.74 -2.87 -14.36
CA PHE B 263 31.25 -1.77 -15.20
C PHE B 263 32.36 -1.22 -16.09
N VAL B 264 33.56 -1.05 -15.54
CA VAL B 264 34.67 -0.52 -16.32
C VAL B 264 35.04 -1.48 -17.45
N GLU B 265 35.04 -2.78 -17.15
CA GLU B 265 35.35 -3.77 -18.18
C GLU B 265 34.29 -3.79 -19.27
N ALA B 266 33.02 -3.66 -18.89
CA ALA B 266 31.95 -3.59 -19.89
C ALA B 266 32.13 -2.38 -20.78
N VAL B 267 32.46 -1.22 -20.19
CA VAL B 267 32.67 -0.02 -20.99
C VAL B 267 33.85 -0.19 -21.95
N LEU B 268 34.95 -0.78 -21.45
CA LEU B 268 36.12 -0.98 -22.30
C LEU B 268 35.83 -1.94 -23.44
N GLU B 269 35.12 -3.03 -23.16
CA GLU B 269 34.78 -3.99 -24.21
C GLU B 269 33.86 -3.36 -25.24
N LEU B 270 32.89 -2.54 -24.78
CA LEU B 270 32.01 -1.87 -25.73
C LEU B 270 32.77 -0.87 -26.59
N ARG B 271 33.74 -0.17 -26.00
CA ARG B 271 34.55 0.76 -26.78
C ARG B 271 35.39 0.02 -27.81
N LYS B 272 35.92 -1.14 -27.45
CA LYS B 272 36.71 -1.91 -28.40
C LYS B 272 35.84 -2.47 -29.52
N LYS B 273 34.61 -2.90 -29.20
CA LYS B 273 33.75 -3.49 -30.22
C LYS B 273 33.17 -2.43 -31.14
N ASN B 274 32.85 -1.24 -30.61
CA ASN B 274 32.19 -0.21 -31.38
C ASN B 274 33.14 0.83 -31.96
N GLY B 275 34.30 1.04 -31.32
CA GLY B 275 35.22 2.06 -31.74
C GLY B 275 34.77 3.43 -31.33
N PRO B 276 34.83 4.40 -32.24
CA PRO B 276 34.34 5.75 -31.92
C PRO B 276 32.83 5.81 -31.93
N LEU B 277 32.27 6.45 -30.91
CA LEU B 277 30.82 6.64 -30.80
C LEU B 277 30.46 7.92 -31.53
N GLU B 278 29.78 7.79 -32.67
CA GLU B 278 29.44 8.94 -33.49
C GLU B 278 28.47 9.85 -32.76
N VAL B 279 28.42 11.11 -33.22
CA VAL B 279 27.51 12.09 -32.63
C VAL B 279 26.07 11.63 -32.81
N ALA B 280 25.28 11.76 -31.74
CA ALA B 280 23.89 11.35 -31.67
C ALA B 280 23.71 9.84 -31.77
N GLY B 281 24.80 9.06 -31.73
CA GLY B 281 24.71 7.63 -31.73
C GLY B 281 24.54 7.06 -30.34
N ALA B 282 24.42 5.73 -30.28
CA ALA B 282 24.25 5.06 -29.00
C ALA B 282 24.63 3.59 -29.16
N ALA B 283 25.05 3.00 -28.04
CA ALA B 283 25.48 1.60 -28.00
C ALA B 283 25.13 1.00 -26.66
N VAL B 284 24.78 -0.29 -26.66
CA VAL B 284 24.33 -0.98 -25.46
C VAL B 284 25.47 -1.81 -24.89
N SER B 285 25.58 -1.82 -23.57
CA SER B 285 26.49 -2.72 -22.86
C SER B 285 25.72 -3.43 -21.75
N ALA B 286 26.22 -4.59 -21.35
CA ALA B 286 25.56 -5.36 -20.31
C ALA B 286 25.76 -4.71 -18.94
N GLY B 287 24.70 -4.63 -18.17
CA GLY B 287 24.76 -4.04 -16.85
C GLY B 287 25.38 -4.94 -15.81
N HIS B 288 26.67 -5.24 -15.98
CA HIS B 288 27.36 -6.11 -15.04
C HIS B 288 27.57 -5.39 -13.71
N GLY B 289 27.22 -6.05 -12.62
CA GLY B 289 27.36 -5.44 -11.31
C GLY B 289 26.42 -4.28 -11.06
N LEU B 290 25.36 -4.15 -11.85
CA LEU B 290 24.40 -3.07 -11.72
C LEU B 290 22.99 -3.64 -11.63
N PRO B 291 22.12 -3.02 -10.82
CA PRO B 291 20.72 -3.46 -10.78
C PRO B 291 20.05 -3.40 -12.13
N ALA B 292 20.47 -2.48 -13.00
CA ALA B 292 19.94 -2.41 -14.35
C ALA B 292 20.42 -3.59 -15.18
N LYS B 293 19.62 -3.95 -16.19
CA LYS B 293 20.00 -5.05 -17.07
C LYS B 293 21.00 -4.60 -18.14
N PHE B 294 20.81 -3.40 -18.68
CA PHE B 294 21.68 -2.89 -19.72
C PHE B 294 21.94 -1.40 -19.48
N VAL B 295 23.00 -0.90 -20.11
CA VAL B 295 23.39 0.50 -20.04
C VAL B 295 23.56 1.01 -21.47
N ILE B 296 22.82 2.06 -21.82
CA ILE B 296 22.83 2.61 -23.16
C ILE B 296 23.68 3.88 -23.13
N HIS B 297 24.88 3.80 -23.70
CA HIS B 297 25.78 4.94 -23.80
C HIS B 297 25.43 5.74 -25.05
N CYS B 298 25.34 7.06 -24.90
CA CYS B 298 25.00 7.95 -26.00
C CYS B 298 25.97 9.11 -26.05
N ASN B 299 26.15 9.65 -27.25
CA ASN B 299 27.01 10.81 -27.49
C ASN B 299 26.09 11.99 -27.82
N SER B 300 25.69 12.73 -26.78
CA SER B 300 24.83 13.88 -26.98
C SER B 300 25.57 14.97 -27.76
N PRO B 301 24.90 15.68 -28.64
CA PRO B 301 25.55 16.76 -29.38
C PRO B 301 25.85 17.95 -28.48
N VAL B 302 26.59 18.90 -29.04
CA VAL B 302 26.99 20.12 -28.33
C VAL B 302 26.07 21.26 -28.75
N TRP B 303 25.67 22.07 -27.78
CA TRP B 303 24.83 23.24 -28.07
C TRP B 303 25.56 24.20 -28.99
N GLY B 304 24.89 24.62 -30.05
CA GLY B 304 25.49 25.47 -31.05
C GLY B 304 26.02 24.76 -32.27
N ALA B 305 26.08 23.42 -32.24
CA ALA B 305 26.53 22.66 -33.38
C ALA B 305 25.48 22.70 -34.50
N ASP B 306 25.87 22.23 -35.67
CA ASP B 306 24.97 22.23 -36.81
C ASP B 306 23.85 21.24 -36.58
N LYS B 307 22.61 21.75 -36.55
CA LYS B 307 21.41 20.93 -36.34
C LYS B 307 21.48 20.14 -35.03
N CYS B 308 21.90 20.82 -33.96
CA CYS B 308 22.05 20.14 -32.67
C CYS B 308 20.71 19.73 -32.08
N GLU B 309 19.62 20.42 -32.43
CA GLU B 309 18.30 20.01 -31.97
C GLU B 309 17.92 18.65 -32.54
N GLU B 310 18.01 18.51 -33.87
CA GLU B 310 17.71 17.23 -34.50
C GLU B 310 18.66 16.15 -34.00
N LEU B 311 19.90 16.51 -33.70
CA LEU B 311 20.86 15.52 -33.20
C LEU B 311 20.47 15.05 -31.80
N LEU B 312 19.97 15.95 -30.95
CA LEU B 312 19.52 15.53 -29.63
C LEU B 312 18.27 14.66 -29.73
N GLU B 313 17.34 15.05 -30.61
CA GLU B 313 16.16 14.22 -30.85
C GLU B 313 16.55 12.83 -31.31
N LYS B 314 17.51 12.74 -32.24
CA LYS B 314 17.97 11.45 -32.73
C LYS B 314 18.70 10.66 -31.64
N THR B 315 19.42 11.35 -30.75
CA THR B 315 20.05 10.67 -29.62
C THR B 315 19.00 9.97 -28.76
N VAL B 316 17.96 10.72 -28.37
CA VAL B 316 16.91 10.15 -27.53
C VAL B 316 16.21 9.00 -28.25
N LYS B 317 15.90 9.19 -29.54
CA LYS B 317 15.18 8.16 -30.28
C LYS B 317 16.04 6.93 -30.51
N ASN B 318 17.36 7.10 -30.67
CA ASN B 318 18.24 5.94 -30.82
C ASN B 318 18.37 5.17 -29.52
N CYS B 319 18.42 5.89 -28.39
CA CYS B 319 18.40 5.19 -27.10
C CYS B 319 17.12 4.39 -26.94
N LEU B 320 15.98 4.99 -27.30
CA LEU B 320 14.71 4.28 -27.20
C LEU B 320 14.67 3.08 -28.15
N ALA B 321 15.23 3.23 -29.35
CA ALA B 321 15.22 2.14 -30.31
C ALA B 321 16.10 0.99 -29.85
N LEU B 322 17.24 1.29 -29.23
CA LEU B 322 18.07 0.24 -28.66
C LEU B 322 17.36 -0.44 -27.50
N ALA B 323 16.61 0.33 -26.70
CA ALA B 323 15.84 -0.28 -25.63
C ALA B 323 14.76 -1.22 -26.18
N ASP B 324 14.16 -0.85 -27.32
CA ASP B 324 13.14 -1.70 -27.91
C ASP B 324 13.73 -2.92 -28.61
N ASP B 325 14.96 -2.80 -29.12
CA ASP B 325 15.58 -3.95 -29.80
C ASP B 325 15.78 -5.12 -28.86
N LYS B 326 16.02 -4.85 -27.58
CA LYS B 326 16.16 -5.90 -26.58
C LYS B 326 14.87 -6.14 -25.81
N LYS B 327 13.75 -5.58 -26.29
CA LYS B 327 12.43 -5.80 -25.69
C LYS B 327 12.41 -5.42 -24.21
N LEU B 328 13.04 -4.30 -23.88
CA LEU B 328 13.07 -3.82 -22.51
C LEU B 328 11.77 -3.10 -22.16
N LYS B 329 11.41 -3.14 -20.88
CA LYS B 329 10.14 -2.59 -20.42
C LYS B 329 10.28 -1.21 -19.79
N SER B 330 11.45 -0.86 -19.26
CA SER B 330 11.66 0.43 -18.63
C SER B 330 13.04 0.96 -18.97
N ILE B 331 13.18 2.28 -18.94
CA ILE B 331 14.45 2.94 -19.25
C ILE B 331 14.54 4.20 -18.40
N ALA B 332 15.74 4.49 -17.91
CA ALA B 332 15.98 5.64 -17.04
C ALA B 332 16.85 6.66 -17.76
N PHE B 333 16.39 7.91 -17.79
CA PHE B 333 17.10 9.00 -18.45
C PHE B 333 17.61 10.00 -17.43
N PRO B 334 18.90 10.32 -17.44
CA PRO B 334 19.36 11.47 -16.65
C PRO B 334 19.17 12.77 -17.42
N SER B 335 19.68 13.88 -16.88
CA SER B 335 19.62 15.16 -17.59
C SER B 335 20.62 15.13 -18.74
N ILE B 336 20.12 15.02 -19.96
CA ILE B 336 20.95 14.85 -21.15
C ILE B 336 21.10 16.20 -21.85
N GLY B 337 22.30 16.47 -22.35
CA GLY B 337 22.57 17.70 -23.10
C GLY B 337 22.71 18.94 -22.27
N SER B 338 21.83 19.14 -21.29
CA SER B 338 21.88 20.33 -20.46
C SER B 338 23.11 20.29 -19.55
N GLY B 339 23.78 21.43 -19.44
CA GLY B 339 24.92 21.54 -18.55
C GLY B 339 26.25 21.28 -19.22
N ARG B 340 26.65 20.01 -19.30
CA ARG B 340 27.95 19.66 -19.84
C ARG B 340 28.07 20.06 -21.30
N ASN B 341 27.04 19.77 -22.10
CA ASN B 341 27.05 20.08 -23.52
C ASN B 341 26.43 21.42 -23.85
N GLY B 342 26.30 22.31 -22.86
CA GLY B 342 25.90 23.69 -23.11
C GLY B 342 24.44 23.92 -23.38
N PHE B 343 23.63 22.88 -23.49
CA PHE B 343 22.21 23.07 -23.74
C PHE B 343 21.56 23.77 -22.57
N PRO B 344 20.75 24.81 -22.80
CA PRO B 344 19.92 25.34 -21.71
C PRO B 344 18.92 24.28 -21.25
N LYS B 345 18.57 24.35 -19.96
CA LYS B 345 17.84 23.25 -19.33
C LYS B 345 16.47 23.03 -19.98
N GLN B 346 15.68 24.10 -20.09
CA GLN B 346 14.31 23.95 -20.58
C GLN B 346 14.28 23.49 -22.03
N THR B 347 15.18 24.03 -22.86
CA THR B 347 15.25 23.62 -24.26
C THR B 347 15.53 22.12 -24.38
N ALA B 348 16.54 21.64 -23.63
CA ALA B 348 16.88 20.22 -23.71
C ALA B 348 15.75 19.35 -23.19
N ALA B 349 15.14 19.74 -22.06
CA ALA B 349 14.04 18.96 -21.52
C ALA B 349 12.90 18.85 -22.52
N GLN B 350 12.51 19.97 -23.13
CA GLN B 350 11.42 19.95 -24.09
C GLN B 350 11.77 19.09 -25.30
N LEU B 351 12.97 19.27 -25.86
CA LEU B 351 13.34 18.49 -27.04
C LEU B 351 13.34 16.99 -26.75
N ILE B 352 13.85 16.61 -25.57
CA ILE B 352 13.86 15.20 -25.20
C ILE B 352 12.44 14.67 -25.08
N LEU B 353 11.56 15.44 -24.44
CA LEU B 353 10.18 14.98 -24.27
C LEU B 353 9.47 14.86 -25.61
N LYS B 354 9.72 15.79 -26.52
CA LYS B 354 9.15 15.71 -27.87
C LYS B 354 9.65 14.47 -28.59
N ALA B 355 10.95 14.21 -28.50
CA ALA B 355 11.50 13.03 -29.14
C ALA B 355 10.83 11.77 -28.61
N ILE B 356 10.64 11.68 -27.30
CA ILE B 356 10.00 10.50 -26.71
C ILE B 356 8.57 10.37 -27.21
N SER B 357 7.82 11.47 -27.20
CA SER B 357 6.41 11.43 -27.60
C SER B 357 6.27 11.02 -29.07
N SER B 358 7.01 11.68 -29.96
CA SER B 358 6.93 11.35 -31.39
C SER B 358 7.47 9.96 -31.67
N TYR B 359 8.42 9.48 -30.87
CA TYR B 359 8.88 8.11 -31.02
C TYR B 359 7.77 7.12 -30.73
N PHE B 360 7.08 7.31 -29.60
CA PHE B 360 5.97 6.40 -29.28
C PHE B 360 4.83 6.55 -30.28
N VAL B 361 4.67 7.72 -30.89
CA VAL B 361 3.67 7.88 -31.95
C VAL B 361 4.07 7.06 -33.18
N SER B 362 5.34 7.15 -33.59
CA SER B 362 5.80 6.49 -34.80
C SER B 362 6.21 5.03 -34.58
N THR B 363 6.29 4.57 -33.33
CA THR B 363 6.67 3.19 -33.02
C THR B 363 5.52 2.57 -32.24
N MET B 364 4.59 1.92 -32.97
CA MET B 364 3.44 1.31 -32.33
C MET B 364 3.78 -0.02 -31.65
N SER B 365 4.89 -0.65 -32.02
CA SER B 365 5.30 -1.94 -31.46
C SER B 365 6.32 -1.78 -30.35
N SER B 366 6.42 -0.61 -29.73
CA SER B 366 7.42 -0.38 -28.70
C SER B 366 7.07 -1.14 -27.43
N SER B 367 8.06 -1.83 -26.86
CA SER B 367 7.89 -2.59 -25.64
C SER B 367 8.10 -1.76 -24.38
N ILE B 368 8.50 -0.50 -24.52
CA ILE B 368 8.77 0.35 -23.36
C ILE B 368 7.46 0.79 -22.75
N LYS B 369 7.31 0.55 -21.45
CA LYS B 369 6.10 0.94 -20.71
C LYS B 369 6.32 2.12 -19.77
N THR B 370 7.47 2.20 -19.13
CA THR B 370 7.78 3.26 -18.18
C THR B 370 9.10 3.91 -18.56
N VAL B 371 9.13 5.24 -18.51
CA VAL B 371 10.35 6.00 -18.77
C VAL B 371 10.62 6.86 -17.55
N TYR B 372 11.74 6.58 -16.88
CA TYR B 372 12.13 7.30 -15.67
C TYR B 372 13.02 8.48 -16.01
N PHE B 373 12.89 9.55 -15.22
CA PHE B 373 13.76 10.72 -15.31
C PHE B 373 14.39 10.93 -13.94
N VAL B 374 15.65 10.54 -13.81
CA VAL B 374 16.38 10.68 -12.55
C VAL B 374 17.06 12.04 -12.54
N LEU B 375 16.58 12.93 -11.66
CA LEU B 375 17.10 14.29 -11.59
C LEU B 375 17.47 14.61 -10.15
N PHE B 376 18.46 15.49 -9.99
CA PHE B 376 18.91 15.94 -8.68
C PHE B 376 18.73 17.43 -8.47
N ASP B 377 18.92 18.24 -9.50
CA ASP B 377 18.73 19.68 -9.37
C ASP B 377 17.24 20.00 -9.26
N SER B 378 16.90 20.90 -8.33
CA SER B 378 15.50 21.25 -8.11
C SER B 378 14.92 21.98 -9.31
N GLU B 379 15.68 22.92 -9.89
CA GLU B 379 15.19 23.64 -11.06
C GLU B 379 14.96 22.71 -12.23
N SER B 380 15.85 21.73 -12.42
CA SER B 380 15.66 20.74 -13.48
C SER B 380 14.38 19.93 -13.24
N ILE B 381 14.13 19.56 -11.99
CA ILE B 381 12.91 18.81 -11.66
C ILE B 381 11.67 19.65 -12.00
N GLY B 382 11.68 20.92 -11.60
CA GLY B 382 10.55 21.78 -11.90
C GLY B 382 10.34 21.97 -13.39
N ILE B 383 11.44 22.12 -14.14
CA ILE B 383 11.36 22.27 -15.59
C ILE B 383 10.75 21.03 -16.23
N TYR B 384 11.21 19.85 -15.80
CA TYR B 384 10.69 18.62 -16.38
C TYR B 384 9.23 18.41 -16.01
N VAL B 385 8.84 18.77 -14.79
CA VAL B 385 7.43 18.69 -14.40
C VAL B 385 6.57 19.59 -15.28
N GLN B 386 7.02 20.83 -15.46
CA GLN B 386 6.26 21.78 -16.28
C GLN B 386 6.16 21.30 -17.72
N GLU B 387 7.25 20.75 -18.27
CA GLU B 387 7.24 20.34 -19.66
C GLU B 387 6.47 19.04 -19.87
N MET B 388 6.41 18.18 -18.85
CA MET B 388 5.52 17.01 -18.93
C MET B 388 4.06 17.43 -18.85
N ALA B 389 3.76 18.46 -18.06
CA ALA B 389 2.41 19.01 -18.06
C ALA B 389 2.02 19.49 -19.45
N LYS B 390 2.99 19.88 -20.26
CA LYS B 390 2.77 20.25 -21.66
C LYS B 390 2.84 19.04 -22.59
N LEU B 391 2.77 17.82 -22.05
CA LEU B 391 2.83 16.61 -22.86
C LEU B 391 1.52 15.82 -22.78
N ARG C 24 17.08 -13.23 33.25
CA ARG C 24 16.27 -14.23 33.94
C ARG C 24 14.80 -14.10 33.55
N MET C 25 14.15 -13.04 34.06
CA MET C 25 12.77 -12.77 33.73
C MET C 25 12.61 -12.03 32.41
N ARG C 26 13.71 -11.61 31.78
CA ARG C 26 13.67 -10.91 30.50
C ARG C 26 13.39 -11.92 29.40
N TRP C 27 12.10 -12.11 29.10
CA TRP C 27 11.68 -12.99 28.02
C TRP C 27 11.90 -12.31 26.68
N THR C 28 12.73 -12.91 25.85
CA THR C 28 13.06 -12.41 24.52
C THR C 28 12.44 -13.29 23.44
N PRO C 29 12.33 -12.80 22.20
CA PRO C 29 11.72 -13.63 21.14
C PRO C 29 12.40 -14.98 20.96
N GLU C 30 13.72 -15.04 21.09
CA GLU C 30 14.42 -16.31 20.93
C GLU C 30 14.10 -17.25 22.09
N LEU C 31 14.14 -16.74 23.33
CA LEU C 31 13.81 -17.56 24.48
C LEU C 31 12.34 -18.00 24.45
N HIS C 32 11.45 -17.10 24.02
CA HIS C 32 10.04 -17.46 23.88
C HIS C 32 9.85 -18.51 22.80
N GLU C 33 10.64 -18.44 21.73
CA GLU C 33 10.59 -19.47 20.68
C GLU C 33 11.02 -20.82 21.24
N ARG C 34 12.10 -20.85 22.02
CA ARG C 34 12.52 -22.09 22.67
C ARG C 34 11.42 -22.62 23.59
N PHE C 35 10.76 -21.72 24.32
CA PHE C 35 9.69 -22.12 25.23
C PHE C 35 8.53 -22.76 24.46
N VAL C 36 8.10 -22.12 23.37
CA VAL C 36 7.00 -22.66 22.58
C VAL C 36 7.40 -23.99 21.95
N ASP C 37 8.66 -24.12 21.56
CA ASP C 37 9.12 -25.39 21.00
C ASP C 37 9.06 -26.50 22.04
N ALA C 38 9.49 -26.21 23.28
CA ALA C 38 9.40 -27.21 24.34
C ALA C 38 7.95 -27.58 24.62
N VAL C 39 7.07 -26.58 24.65
CA VAL C 39 5.65 -26.84 24.87
C VAL C 39 5.10 -27.76 23.78
N ASN C 40 5.40 -27.46 22.52
CA ASN C 40 4.94 -28.28 21.41
C ASN C 40 5.50 -29.70 21.52
N LEU C 41 6.74 -29.83 21.97
CA LEU C 41 7.29 -31.15 22.24
C LEU C 41 6.45 -31.90 23.26
N LEU C 42 6.00 -31.19 24.31
CA LEU C 42 5.13 -31.82 25.29
C LEU C 42 3.70 -32.00 24.80
N GLY C 43 3.30 -31.26 23.77
CA GLY C 43 1.96 -31.35 23.22
C GLY C 43 1.27 -30.00 23.22
N GLY C 44 -0.05 -30.03 23.38
CA GLY C 44 -0.80 -28.79 23.45
C GLY C 44 -0.42 -27.97 24.67
N SER C 45 -0.48 -26.64 24.52
CA SER C 45 -0.18 -25.77 25.64
C SER C 45 -1.14 -25.99 26.80
N GLU C 46 -2.37 -26.43 26.50
CA GLU C 46 -3.34 -26.71 27.54
C GLU C 46 -2.98 -27.95 28.35
N LYS C 47 -2.20 -28.88 27.77
CA LYS C 47 -1.81 -30.10 28.46
C LYS C 47 -0.33 -30.14 28.81
N ALA C 48 0.45 -29.16 28.38
CA ALA C 48 1.86 -29.14 28.72
C ALA C 48 2.05 -28.82 30.20
N THR C 49 3.09 -29.43 30.78
CA THR C 49 3.42 -29.26 32.20
C THR C 49 4.60 -28.32 32.35
N PRO C 50 4.53 -27.32 33.23
CA PRO C 50 5.67 -26.41 33.39
C PRO C 50 6.94 -27.09 33.84
N LYS C 51 6.84 -28.18 34.62
CA LYS C 51 8.03 -28.91 35.03
C LYS C 51 8.69 -29.58 33.83
N GLY C 52 7.88 -30.18 32.94
CA GLY C 52 8.44 -30.75 31.73
C GLY C 52 9.06 -29.72 30.82
N VAL C 53 8.44 -28.53 30.73
CA VAL C 53 9.01 -27.45 29.95
C VAL C 53 10.35 -27.02 30.52
N LEU C 54 10.43 -26.90 31.85
CA LEU C 54 11.69 -26.54 32.48
C LEU C 54 12.75 -27.60 32.23
N LYS C 55 12.36 -28.87 32.25
CA LYS C 55 13.32 -29.94 31.95
C LYS C 55 13.80 -29.87 30.51
N LEU C 56 12.90 -29.52 29.58
CA LEU C 56 13.28 -29.44 28.17
C LEU C 56 14.11 -28.21 27.83
N MET C 57 14.05 -27.16 28.66
CA MET C 57 14.78 -25.93 28.40
C MET C 57 16.04 -25.91 29.26
N LYS C 58 17.20 -25.95 28.60
CA LYS C 58 18.49 -25.89 29.27
C LYS C 58 18.97 -24.45 29.47
N ALA C 59 18.07 -23.48 29.36
CA ALA C 59 18.46 -22.09 29.53
C ALA C 59 18.96 -21.84 30.95
N ASP C 60 20.07 -21.11 31.05
CA ASP C 60 20.69 -20.87 32.35
C ASP C 60 19.83 -19.96 33.22
N ASN C 61 19.85 -20.23 34.52
CA ASN C 61 19.15 -19.43 35.52
C ASN C 61 17.66 -19.29 35.20
N LEU C 62 17.04 -20.42 34.83
CA LEU C 62 15.62 -20.46 34.49
C LEU C 62 14.91 -21.25 35.57
N THR C 63 14.10 -20.56 36.36
CA THR C 63 13.39 -21.19 37.47
C THR C 63 12.00 -21.64 37.04
N ILE C 64 11.41 -22.53 37.84
CA ILE C 64 10.07 -23.00 37.55
C ILE C 64 9.06 -21.87 37.70
N TYR C 65 9.35 -20.89 38.55
CA TYR C 65 8.45 -19.75 38.73
C TYR C 65 8.31 -18.96 37.42
N HIS C 66 9.44 -18.64 36.79
CA HIS C 66 9.40 -17.88 35.54
C HIS C 66 8.77 -18.70 34.42
N VAL C 67 9.23 -19.94 34.25
CA VAL C 67 8.65 -20.85 33.25
C VAL C 67 7.13 -20.88 33.39
N LYS C 68 6.66 -20.98 34.62
CA LYS C 68 5.25 -21.25 34.89
C LYS C 68 4.40 -19.99 34.72
N SER C 69 4.87 -18.84 35.22
CA SER C 69 4.17 -17.59 34.98
C SER C 69 4.12 -17.26 33.48
N HIS C 70 5.19 -17.60 32.76
CA HIS C 70 5.20 -17.32 31.33
C HIS C 70 4.27 -18.26 30.58
N LEU C 71 4.21 -19.53 31.00
CA LEU C 71 3.21 -20.43 30.43
C LEU C 71 1.81 -19.91 30.70
N GLN C 72 1.59 -19.34 31.88
CA GLN C 72 0.33 -18.69 32.18
C GLN C 72 0.00 -17.61 31.15
N LYS C 73 0.90 -16.64 30.99
CA LYS C 73 0.64 -15.54 30.07
C LYS C 73 0.46 -16.03 28.63
N TYR C 74 1.24 -17.03 28.22
CA TYR C 74 1.16 -17.56 26.86
C TYR C 74 -0.18 -18.23 26.62
N ARG C 75 -0.59 -19.13 27.52
CA ARG C 75 -1.87 -19.80 27.38
C ARG C 75 -3.02 -18.81 27.36
N THR C 76 -2.95 -17.78 28.21
CA THR C 76 -4.03 -16.78 28.21
C THR C 76 -4.07 -16.01 26.90
N ALA C 77 -2.90 -15.63 26.37
CA ALA C 77 -2.87 -14.87 25.12
C ALA C 77 -3.35 -15.71 23.93
N ARG C 78 -3.10 -17.02 23.96
CA ARG C 78 -3.43 -17.86 22.81
C ARG C 78 -4.93 -18.09 22.64
N TYR C 79 -5.74 -17.79 23.66
CA TYR C 79 -7.17 -18.04 23.55
C TYR C 79 -7.81 -17.14 22.50
N ARG C 80 -8.80 -17.68 21.79
CA ARG C 80 -9.53 -16.95 20.75
C ARG C 80 -11.02 -17.19 20.91
N PRO C 81 -11.71 -16.36 21.70
CA PRO C 81 -13.15 -16.54 21.88
C PRO C 81 -13.98 -16.10 20.70
N GLU C 82 -13.43 -15.27 19.81
CA GLU C 82 -14.17 -14.76 18.67
C GLU C 82 -14.47 -15.81 17.62
N LEU C 83 -13.93 -17.03 17.77
CA LEU C 83 -14.14 -18.06 16.76
C LEU C 83 -15.46 -18.80 16.97
N SER C 84 -15.92 -18.90 18.21
CA SER C 84 -17.20 -19.54 18.52
C SER C 84 -18.19 -18.46 18.95
N GLU C 85 -19.20 -18.23 18.11
CA GLU C 85 -20.22 -17.23 18.40
C GLU C 85 -21.46 -17.45 17.53
N GLY C 106 -19.31 1.54 6.26
CA GLY C 106 -18.68 1.03 5.06
C GLY C 106 -17.29 0.49 5.29
N ASN C 107 -16.92 -0.55 4.54
CA ASN C 107 -15.59 -1.13 4.69
C ASN C 107 -14.49 -0.18 4.24
N PHE C 108 -14.79 0.70 3.27
CA PHE C 108 -13.81 1.70 2.85
C PHE C 108 -13.47 2.65 3.99
N ASP C 109 -14.49 3.13 4.71
CA ASP C 109 -14.24 4.03 5.82
C ASP C 109 -13.46 3.34 6.93
N LEU C 110 -13.78 2.08 7.22
CA LEU C 110 -13.06 1.34 8.25
C LEU C 110 -11.59 1.15 7.86
N THR C 111 -11.35 0.73 6.61
CA THR C 111 -9.98 0.51 6.16
C THR C 111 -9.20 1.82 6.14
N GLU C 112 -9.84 2.93 5.77
CA GLU C 112 -9.14 4.21 5.76
C GLU C 112 -8.85 4.69 7.17
N ALA C 113 -9.77 4.46 8.11
CA ALA C 113 -9.48 4.81 9.51
C ALA C 113 -8.33 3.98 10.04
N LEU C 114 -8.29 2.69 9.71
CA LEU C 114 -7.19 1.83 10.16
C LEU C 114 -5.87 2.27 9.55
N ARG C 115 -5.87 2.61 8.26
CA ARG C 115 -4.65 3.05 7.60
C ARG C 115 -4.17 4.39 8.15
N LEU C 116 -5.10 5.29 8.48
CA LEU C 116 -4.74 6.56 9.09
C LEU C 116 -4.10 6.34 10.46
N GLN C 117 -4.70 5.47 11.28
CA GLN C 117 -4.11 5.13 12.57
C GLN C 117 -2.70 4.58 12.41
N LEU C 118 -2.53 3.59 11.52
CA LEU C 118 -1.22 2.98 11.32
C LEU C 118 -0.20 4.03 10.88
N GLU C 119 -0.60 4.93 9.97
CA GLU C 119 0.33 5.94 9.48
C GLU C 119 0.75 6.88 10.60
N LEU C 120 -0.20 7.31 11.44
CA LEU C 120 0.15 8.13 12.60
C LEU C 120 1.15 7.43 13.50
N GLN C 121 0.92 6.14 13.75
CA GLN C 121 1.83 5.38 14.61
C GLN C 121 3.23 5.31 14.01
N LYS C 122 3.31 5.08 12.69
CA LYS C 122 4.61 5.03 12.03
C LYS C 122 5.35 6.37 12.15
N ARG C 123 4.62 7.47 11.93
CA ARG C 123 5.22 8.80 12.05
C ARG C 123 5.76 9.02 13.47
N LEU C 124 4.97 8.66 14.48
CA LEU C 124 5.42 8.86 15.85
C LEU C 124 6.66 8.01 16.14
N HIS C 125 6.70 6.79 15.61
CA HIS C 125 7.84 5.92 15.84
C HIS C 125 9.12 6.52 15.27
N GLU C 126 9.05 7.04 14.03
CA GLU C 126 10.26 7.62 13.45
C GLU C 126 10.67 8.90 14.17
N GLN C 127 9.68 9.69 14.62
CA GLN C 127 10.02 10.89 15.40
C GLN C 127 10.71 10.51 16.71
N LEU C 128 10.25 9.44 17.35
CA LEU C 128 10.89 8.98 18.58
C LEU C 128 12.31 8.50 18.31
N GLU C 129 12.55 7.89 17.15
CA GLU C 129 13.91 7.50 16.80
C GLU C 129 14.82 8.72 16.67
N ILE C 130 14.31 9.77 16.01
CA ILE C 130 15.11 10.99 15.88
C ILE C 130 15.41 11.58 17.25
N GLN C 131 14.40 11.59 18.13
CA GLN C 131 14.61 12.08 19.49
C GLN C 131 15.65 11.25 20.24
N ARG C 132 15.63 9.93 20.03
CA ARG C 132 16.65 9.05 20.60
C ARG C 132 18.04 9.49 20.18
N SER C 133 18.23 9.71 18.87
CA SER C 133 19.55 10.12 18.38
C SER C 133 19.99 11.43 18.99
N LEU C 134 19.08 12.41 19.05
CA LEU C 134 19.42 13.71 19.63
C LEU C 134 19.82 13.58 21.10
N GLN C 135 19.05 12.81 21.87
CA GLN C 135 19.38 12.62 23.28
C GLN C 135 20.74 11.97 23.45
N LEU C 136 21.03 10.95 22.63
CA LEU C 136 22.33 10.28 22.74
C LEU C 136 23.47 11.24 22.43
N ARG C 137 23.31 12.08 21.40
CA ARG C 137 24.34 13.04 21.07
C ARG C 137 24.58 14.02 22.21
N ILE C 138 23.49 14.58 22.76
CA ILE C 138 23.62 15.55 23.85
C ILE C 138 24.30 14.91 25.06
N LEU C 139 23.90 13.68 25.40
CA LEU C 139 24.49 13.03 26.57
C LEU C 139 25.96 12.72 26.35
N GLU C 140 26.33 12.29 25.15
CA GLU C 140 27.74 12.01 24.88
C GLU C 140 28.57 13.29 24.98
N HIS C 141 28.06 14.40 24.44
CA HIS C 141 28.80 15.66 24.52
C HIS C 141 28.93 16.13 25.96
N HIS C 142 27.88 15.98 26.77
CA HIS C 142 27.96 16.37 28.18
C HIS C 142 28.88 15.45 28.96
N HIS C 143 29.02 14.19 28.53
CA HIS C 143 29.92 13.27 29.21
C HIS C 143 31.37 13.59 28.89
N HIS C 144 31.67 13.89 27.63
CA HIS C 144 33.05 14.13 27.21
C HIS C 144 33.48 15.59 27.33
N HIS C 145 32.58 16.50 27.71
CA HIS C 145 32.94 17.90 27.88
C HIS C 145 32.51 18.50 29.21
N HIS C 146 31.59 17.87 29.94
CA HIS C 146 31.15 18.34 31.25
C HIS C 146 30.63 19.78 31.20
N MET D 25 -34.42 -33.08 -8.93
CA MET D 25 -33.11 -33.54 -9.37
C MET D 25 -32.28 -32.37 -9.91
N ARG D 26 -32.95 -31.41 -10.55
CA ARG D 26 -32.29 -30.23 -11.11
C ARG D 26 -32.05 -29.25 -9.98
N TRP D 27 -30.89 -29.39 -9.33
CA TRP D 27 -30.52 -28.50 -8.23
C TRP D 27 -29.90 -27.22 -8.76
N THR D 28 -30.21 -26.11 -8.10
CA THR D 28 -29.76 -24.78 -8.46
C THR D 28 -29.30 -24.05 -7.21
N PRO D 29 -28.36 -23.10 -7.34
CA PRO D 29 -27.85 -22.41 -6.15
C PRO D 29 -28.91 -21.81 -5.24
N GLU D 30 -30.05 -21.37 -5.79
CA GLU D 30 -31.11 -20.82 -4.94
C GLU D 30 -31.78 -21.92 -4.12
N LEU D 31 -32.16 -23.01 -4.79
CA LEU D 31 -32.73 -24.15 -4.07
C LEU D 31 -31.72 -24.74 -3.10
N HIS D 32 -30.44 -24.73 -3.44
CA HIS D 32 -29.42 -25.22 -2.52
C HIS D 32 -29.24 -24.29 -1.32
N GLU D 33 -29.41 -22.97 -1.53
CA GLU D 33 -29.39 -22.04 -0.41
C GLU D 33 -30.55 -22.31 0.54
N ARG D 34 -31.75 -22.50 -0.02
CA ARG D 34 -32.89 -22.86 0.81
C ARG D 34 -32.65 -24.18 1.53
N PHE D 35 -32.01 -25.14 0.86
CA PHE D 35 -31.70 -26.43 1.47
C PHE D 35 -30.72 -26.28 2.63
N VAL D 36 -29.69 -25.47 2.46
CA VAL D 36 -28.72 -25.26 3.53
C VAL D 36 -29.38 -24.55 4.72
N ASP D 37 -30.27 -23.60 4.44
CA ASP D 37 -31.01 -22.95 5.52
C ASP D 37 -31.88 -23.95 6.27
N ALA D 38 -32.57 -24.83 5.54
CA ALA D 38 -33.41 -25.83 6.18
C ALA D 38 -32.58 -26.81 7.01
N VAL D 39 -31.38 -27.16 6.52
CA VAL D 39 -30.51 -28.06 7.28
C VAL D 39 -30.02 -27.35 8.55
N ASN D 40 -29.67 -26.06 8.45
CA ASN D 40 -29.29 -25.32 9.64
C ASN D 40 -30.42 -25.23 10.65
N LEU D 41 -31.66 -25.17 10.17
CA LEU D 41 -32.81 -25.17 11.09
C LEU D 41 -32.97 -26.52 11.76
N LEU D 42 -32.80 -27.62 11.01
CA LEU D 42 -33.03 -28.96 11.53
C LEU D 42 -31.77 -29.47 12.23
N GLY D 43 -31.53 -28.92 13.41
CA GLY D 43 -30.39 -29.36 14.22
C GLY D 43 -29.07 -29.04 13.55
N GLY D 44 -28.13 -29.98 13.65
CA GLY D 44 -26.83 -29.82 13.05
C GLY D 44 -26.78 -30.27 11.61
N SER D 45 -25.67 -29.95 10.94
CA SER D 45 -25.50 -30.33 9.55
C SER D 45 -25.33 -31.84 9.39
N GLU D 46 -24.74 -32.50 10.38
CA GLU D 46 -24.58 -33.95 10.33
C GLU D 46 -25.77 -34.68 10.93
N LYS D 47 -26.33 -34.15 12.01
CA LYS D 47 -27.51 -34.76 12.66
C LYS D 47 -28.78 -34.17 12.04
N ALA D 48 -29.00 -34.53 10.77
CA ALA D 48 -30.15 -34.06 10.02
C ALA D 48 -30.88 -35.23 9.38
N THR D 49 -32.17 -35.05 9.16
CA THR D 49 -33.02 -36.06 8.55
C THR D 49 -33.61 -35.50 7.26
N PRO D 50 -33.52 -36.22 6.14
CA PRO D 50 -34.08 -35.70 4.89
C PRO D 50 -35.59 -35.51 4.93
N LYS D 51 -36.30 -36.32 5.72
CA LYS D 51 -37.75 -36.13 5.85
C LYS D 51 -38.07 -34.81 6.53
N GLY D 52 -37.33 -34.47 7.58
CA GLY D 52 -37.54 -33.19 8.24
C GLY D 52 -37.18 -32.02 7.35
N VAL D 53 -36.13 -32.15 6.55
CA VAL D 53 -35.76 -31.10 5.60
C VAL D 53 -36.85 -30.93 4.55
N LEU D 54 -37.42 -32.04 4.08
CA LEU D 54 -38.53 -31.97 3.14
C LEU D 54 -39.74 -31.30 3.76
N LYS D 55 -40.00 -31.57 5.05
CA LYS D 55 -41.08 -30.90 5.75
C LYS D 55 -40.81 -29.40 5.86
N LEU D 56 -39.55 -29.01 5.90
CA LEU D 56 -39.16 -27.60 5.94
C LEU D 56 -39.08 -26.97 4.55
N MET D 57 -39.27 -27.76 3.49
CA MET D 57 -39.19 -27.27 2.12
C MET D 57 -40.37 -27.86 1.33
N LYS D 58 -41.57 -27.39 1.63
CA LYS D 58 -42.78 -27.84 0.93
C LYS D 58 -42.99 -27.00 -0.33
N ALA D 59 -42.11 -27.23 -1.31
CA ALA D 59 -42.16 -26.50 -2.55
C ALA D 59 -41.43 -27.28 -3.63
N ASP D 60 -41.86 -27.07 -4.88
CA ASP D 60 -41.25 -27.66 -6.07
C ASP D 60 -41.35 -29.18 -6.10
N ASN D 61 -42.23 -29.76 -5.29
CA ASN D 61 -42.49 -31.19 -5.27
C ASN D 61 -41.21 -32.00 -5.08
N LEU D 62 -40.48 -31.69 -4.02
CA LEU D 62 -39.26 -32.41 -3.69
C LEU D 62 -39.60 -33.76 -3.07
N THR D 63 -38.75 -34.75 -3.33
CA THR D 63 -38.95 -36.11 -2.85
C THR D 63 -37.98 -36.44 -1.73
N ILE D 64 -38.33 -37.47 -0.96
CA ILE D 64 -37.45 -37.92 0.11
C ILE D 64 -36.16 -38.48 -0.47
N TYR D 65 -36.25 -39.18 -1.61
CA TYR D 65 -35.07 -39.81 -2.21
C TYR D 65 -34.08 -38.76 -2.70
N HIS D 66 -34.55 -37.77 -3.46
CA HIS D 66 -33.65 -36.76 -4.00
C HIS D 66 -33.05 -35.90 -2.89
N VAL D 67 -33.87 -35.50 -1.91
CA VAL D 67 -33.37 -34.69 -0.80
C VAL D 67 -32.37 -35.50 0.02
N LYS D 68 -32.60 -36.80 0.17
CA LYS D 68 -31.69 -37.65 0.94
C LYS D 68 -30.35 -37.79 0.22
N SER D 69 -30.38 -38.01 -1.10
CA SER D 69 -29.14 -38.10 -1.85
C SER D 69 -28.39 -36.78 -1.84
N HIS D 70 -29.11 -35.67 -1.94
CA HIS D 70 -28.47 -34.35 -1.89
C HIS D 70 -27.84 -34.09 -0.54
N LEU D 71 -28.53 -34.50 0.55
CA LEU D 71 -27.95 -34.34 1.89
C LEU D 71 -26.74 -35.24 2.07
N GLN D 72 -26.77 -36.45 1.50
CA GLN D 72 -25.59 -37.31 1.55
C GLN D 72 -24.41 -36.65 0.86
N LYS D 73 -24.63 -36.12 -0.35
CA LYS D 73 -23.55 -35.43 -1.07
C LYS D 73 -23.06 -34.22 -0.29
N TYR D 74 -23.97 -33.45 0.32
CA TYR D 74 -23.57 -32.26 1.07
C TYR D 74 -22.75 -32.63 2.29
N ARG D 75 -23.16 -33.67 3.02
CA ARG D 75 -22.41 -34.10 4.20
C ARG D 75 -21.04 -34.63 3.80
N THR D 76 -20.96 -35.41 2.72
CA THR D 76 -19.67 -35.90 2.27
C THR D 76 -18.78 -34.80 1.70
N ALA D 77 -19.37 -33.69 1.25
CA ALA D 77 -18.59 -32.61 0.65
C ALA D 77 -18.14 -31.57 1.67
N ARG D 78 -18.92 -31.36 2.74
CA ARG D 78 -18.56 -30.35 3.74
C ARG D 78 -17.38 -30.78 4.61
N TYR D 79 -16.92 -32.02 4.50
CA TYR D 79 -15.79 -32.47 5.29
C TYR D 79 -14.50 -31.78 4.83
N ARG D 80 -13.76 -31.22 5.79
CA ARG D 80 -12.50 -30.54 5.53
C ARG D 80 -11.42 -31.22 6.36
N PRO D 81 -10.71 -32.20 5.80
CA PRO D 81 -9.69 -32.91 6.57
C PRO D 81 -8.54 -32.00 6.97
N GLU D 82 -7.97 -32.29 8.13
CA GLU D 82 -6.83 -31.52 8.64
C GLU D 82 -5.68 -32.45 9.04
N GLY D 106 10.05 -18.57 -4.55
CA GLY D 106 9.11 -17.52 -4.85
C GLY D 106 7.68 -18.00 -4.99
N ASN D 107 6.82 -17.56 -4.06
CA ASN D 107 5.41 -17.93 -4.10
C ASN D 107 4.65 -17.16 -5.18
N PHE D 108 5.12 -15.95 -5.52
CA PHE D 108 4.45 -15.18 -6.56
C PHE D 108 4.60 -15.85 -7.93
N ASP D 109 5.64 -16.67 -8.12
CA ASP D 109 5.73 -17.46 -9.34
C ASP D 109 4.58 -18.46 -9.43
N LEU D 110 4.27 -19.13 -8.33
CA LEU D 110 3.14 -20.05 -8.31
C LEU D 110 1.83 -19.30 -8.49
N THR D 111 1.70 -18.11 -7.88
CA THR D 111 0.49 -17.32 -8.06
C THR D 111 0.32 -16.89 -9.51
N GLU D 112 1.42 -16.56 -10.20
CA GLU D 112 1.34 -16.18 -11.60
C GLU D 112 1.02 -17.38 -12.48
N ALA D 113 1.55 -18.56 -12.14
CA ALA D 113 1.16 -19.77 -12.84
C ALA D 113 -0.33 -20.04 -12.68
N LEU D 114 -0.86 -19.79 -11.49
CA LEU D 114 -2.30 -19.96 -11.26
C LEU D 114 -3.11 -18.95 -12.08
N ARG D 115 -2.63 -17.70 -12.15
CA ARG D 115 -3.29 -16.71 -12.98
C ARG D 115 -3.29 -17.14 -14.45
N LEU D 116 -2.18 -17.69 -14.92
CA LEU D 116 -2.11 -18.17 -16.30
C LEU D 116 -3.07 -19.33 -16.53
N GLN D 117 -3.18 -20.24 -15.57
CA GLN D 117 -4.16 -21.31 -15.66
C GLN D 117 -5.57 -20.76 -15.80
N LEU D 118 -5.91 -19.79 -14.95
CA LEU D 118 -7.24 -19.19 -15.02
C LEU D 118 -7.48 -18.51 -16.37
N GLU D 119 -6.47 -17.83 -16.89
CA GLU D 119 -6.61 -17.15 -18.18
C GLU D 119 -6.82 -18.16 -19.31
N LEU D 120 -6.05 -19.25 -19.31
CA LEU D 120 -6.24 -20.29 -20.31
C LEU D 120 -7.64 -20.90 -20.22
N GLN D 121 -8.13 -21.14 -19.00
CA GLN D 121 -9.46 -21.69 -18.84
C GLN D 121 -10.53 -20.73 -19.35
N LYS D 122 -10.34 -19.42 -19.12
CA LYS D 122 -11.29 -18.44 -19.63
C LYS D 122 -11.28 -18.40 -21.15
N ARG D 123 -10.10 -18.46 -21.77
CA ARG D 123 -10.02 -18.51 -23.22
C ARG D 123 -10.70 -19.76 -23.76
N LEU D 124 -10.50 -20.89 -23.08
CA LEU D 124 -11.14 -22.13 -23.51
C LEU D 124 -12.66 -22.04 -23.40
N HIS D 125 -13.15 -21.37 -22.36
CA HIS D 125 -14.59 -21.17 -22.20
C HIS D 125 -15.15 -20.30 -23.32
N GLU D 126 -14.45 -19.23 -23.68
CA GLU D 126 -14.90 -18.38 -24.78
C GLU D 126 -14.89 -19.13 -26.10
N GLN D 127 -13.88 -19.98 -26.31
CA GLN D 127 -13.85 -20.80 -27.51
C GLN D 127 -15.01 -21.77 -27.56
N LEU D 128 -15.37 -22.37 -26.42
CA LEU D 128 -16.54 -23.23 -26.38
C LEU D 128 -17.82 -22.45 -26.66
N GLU D 129 -17.90 -21.19 -26.20
CA GLU D 129 -19.07 -20.37 -26.49
C GLU D 129 -19.22 -20.10 -27.98
N ILE D 130 -18.13 -19.68 -28.63
CA ILE D 130 -18.21 -19.43 -30.06
C ILE D 130 -18.44 -20.75 -30.81
N GLN D 131 -17.95 -21.87 -30.26
CA GLN D 131 -18.26 -23.17 -30.83
C GLN D 131 -19.75 -23.46 -30.81
N ARG D 132 -20.40 -23.20 -29.67
CA ARG D 132 -21.84 -23.41 -29.55
C ARG D 132 -22.61 -22.55 -30.56
N SER D 133 -22.29 -21.26 -30.60
CA SER D 133 -22.99 -20.37 -31.53
C SER D 133 -22.77 -20.81 -32.97
N LEU D 134 -21.53 -21.15 -33.32
CA LEU D 134 -21.20 -21.58 -34.67
C LEU D 134 -21.97 -22.84 -35.04
N GLN D 135 -22.06 -23.80 -34.11
CA GLN D 135 -22.73 -25.07 -34.40
C GLN D 135 -24.23 -24.87 -34.57
N LEU D 136 -24.83 -24.00 -33.74
CA LEU D 136 -26.24 -23.68 -33.93
C LEU D 136 -26.48 -23.03 -35.29
N ARG D 137 -25.60 -22.11 -35.69
CA ARG D 137 -25.76 -21.48 -36.99
C ARG D 137 -25.58 -22.47 -38.14
N ILE D 138 -24.73 -23.49 -37.96
CA ILE D 138 -24.66 -24.56 -38.94
C ILE D 138 -25.97 -25.32 -39.01
N LEU D 139 -26.51 -25.69 -37.84
CA LEU D 139 -27.79 -26.38 -37.80
C LEU D 139 -28.86 -25.58 -38.51
N GLU D 140 -28.75 -24.25 -38.50
CA GLU D 140 -29.68 -23.42 -39.28
C GLU D 140 -29.43 -23.54 -40.78
N HIS D 141 -28.21 -23.88 -41.19
CA HIS D 141 -27.83 -23.96 -42.60
C HIS D 141 -28.15 -22.68 -43.35
N GLY E 106 33.45 28.75 21.47
CA GLY E 106 32.08 28.76 21.94
C GLY E 106 31.12 28.05 21.01
N ASN E 107 31.66 27.44 19.96
CA ASN E 107 30.81 26.72 18.99
C ASN E 107 30.18 25.49 19.62
N PHE E 108 30.85 24.88 20.60
CA PHE E 108 30.28 23.70 21.26
C PHE E 108 29.00 24.05 22.01
N ASP E 109 29.02 25.17 22.74
CA ASP E 109 27.82 25.59 23.46
C ASP E 109 26.69 25.94 22.49
N LEU E 110 27.02 26.53 21.35
CA LEU E 110 26.02 26.83 20.33
C LEU E 110 25.40 25.53 19.80
N THR E 111 26.24 24.52 19.55
CA THR E 111 25.72 23.23 19.09
C THR E 111 24.81 22.60 20.14
N GLU E 112 25.19 22.71 21.42
CA GLU E 112 24.36 22.15 22.48
C GLU E 112 23.01 22.86 22.55
N ALA E 113 23.01 24.19 22.42
CA ALA E 113 21.76 24.94 22.44
C ALA E 113 20.88 24.56 21.24
N LEU E 114 21.49 24.39 20.07
CA LEU E 114 20.74 23.96 18.90
C LEU E 114 20.10 22.59 19.12
N ARG E 115 20.86 21.67 19.73
CA ARG E 115 20.31 20.34 19.99
C ARG E 115 19.16 20.40 20.99
N LEU E 116 19.26 21.27 22.00
CA LEU E 116 18.16 21.42 22.95
C LEU E 116 16.91 21.98 22.26
N GLN E 117 17.10 22.95 21.36
CA GLN E 117 15.97 23.48 20.61
C GLN E 117 15.32 22.41 19.76
N LEU E 118 16.14 21.60 19.09
CA LEU E 118 15.61 20.47 18.31
C LEU E 118 14.82 19.51 19.20
N GLU E 119 15.32 19.28 20.41
CA GLU E 119 14.63 18.39 21.35
C GLU E 119 13.24 18.93 21.69
N LEU E 120 13.15 20.23 21.98
CA LEU E 120 11.84 20.82 22.31
C LEU E 120 10.89 20.73 21.11
N GLN E 121 11.38 21.04 19.91
CA GLN E 121 10.52 20.94 18.72
C GLN E 121 10.01 19.51 18.54
N LYS E 122 10.89 18.52 18.73
CA LYS E 122 10.50 17.13 18.63
C LYS E 122 9.43 16.78 19.67
N ARG E 123 9.60 17.29 20.89
CA ARG E 123 8.61 17.03 21.94
C ARG E 123 7.24 17.56 21.54
N LEU E 124 7.18 18.79 21.02
CA LEU E 124 5.90 19.36 20.64
C LEU E 124 5.25 18.55 19.51
N HIS E 125 6.03 18.16 18.51
CA HIS E 125 5.46 17.39 17.40
C HIS E 125 4.94 16.04 17.88
N GLU E 126 5.71 15.35 18.72
CA GLU E 126 5.25 14.06 19.23
C GLU E 126 3.99 14.20 20.08
N GLN E 127 3.88 15.29 20.83
CA GLN E 127 2.64 15.57 21.56
C GLN E 127 1.46 15.67 20.61
N LEU E 128 1.61 16.47 19.55
CA LEU E 128 0.52 16.61 18.58
C LEU E 128 0.11 15.26 18.01
N GLU E 129 1.09 14.41 17.69
CA GLU E 129 0.77 13.14 17.05
C GLU E 129 0.09 12.16 18.00
N ILE E 130 0.58 12.05 19.24
CA ILE E 130 -0.08 11.16 20.19
C ILE E 130 -1.48 11.66 20.52
N GLN E 131 -1.66 12.98 20.53
CA GLN E 131 -2.99 13.55 20.69
C GLN E 131 -3.91 13.09 19.58
N ARG E 132 -3.45 13.21 18.32
CA ARG E 132 -4.29 12.81 17.18
C ARG E 132 -4.63 11.33 17.25
N SER E 133 -3.68 10.50 17.69
CA SER E 133 -3.93 9.06 17.76
C SER E 133 -5.01 8.73 18.79
N LEU E 134 -4.88 9.29 19.99
CA LEU E 134 -5.90 9.06 21.01
C LEU E 134 -7.26 9.63 20.57
N GLN E 135 -7.24 10.75 19.85
CA GLN E 135 -8.46 11.31 19.28
C GLN E 135 -9.13 10.30 18.34
N LEU E 136 -8.36 9.74 17.40
CA LEU E 136 -8.91 8.78 16.46
C LEU E 136 -9.48 7.58 17.18
N ARG E 137 -8.81 7.12 18.24
CA ARG E 137 -9.36 6.01 19.02
C ARG E 137 -10.70 6.37 19.64
N ILE E 138 -10.78 7.54 20.27
CA ILE E 138 -12.01 7.92 20.97
C ILE E 138 -13.15 8.10 19.98
N LEU E 139 -12.87 8.65 18.79
CA LEU E 139 -13.92 8.88 17.81
C LEU E 139 -14.44 7.58 17.22
N GLU E 140 -13.59 6.55 17.15
CA GLU E 140 -14.00 5.28 16.56
C GLU E 140 -14.45 4.29 17.62
#